data_4ASY
#
_entry.id   4ASY
#
_cell.length_a   73.990
_cell.length_b   136.980
_cell.length_c   75.190
_cell.angle_alpha   90.00
_cell.angle_beta   103.28
_cell.angle_gamma   90.00
#
_symmetry.space_group_name_H-M   'P 1 21 1'
#
loop_
_entity.id
_entity.type
_entity.pdbx_description
1 polymer 'GLUCOSE-1-PHOSPHATE THYMIDYLYLTRANSFERASE'
2 non-polymer N-(6-amino-1-benzyl-2,4-dioxo-1,2,3,4-tetrahydropyrimidin-5-yl)-N-methylbenzamide
3 non-polymer 'CHLORIDE ION'
4 non-polymer '2-(N-MORPHOLINO)-ETHANESULFONIC ACID'
5 water water
#
_entity_poly.entity_id   1
_entity_poly.type   'polypeptide(L)'
_entity_poly.pdbx_seq_one_letter_code
;MKRKGIILAGGSGTRLHPATLAISKQLLPVYDKPMIYYPLSTLMLAGIREILIISTPQDTPRFQQLLGDGSNWGLDLQYA
VQPSPDGLAQAFLIGESFIGNDLSALVLGDNLYYGHDFHELLGSASQRQTGASVFAYHVLDPERYGVVEFDQGGKAISLE
EKPLEPKSNYAVTGLYFYDQQVVDIARDLKPSPRGELEITDVNRAYLERGQLSVEIMGRGYAWLDTGTHDSLLEAGQFIA
TLENRQGLKVACPEEIAYRQKWIDAAQLEKLAAPLAKNGYGQYLKRLLTETVY
;
_entity_poly.pdbx_strand_id   A,B,C,D
#
loop_
_chem_comp.id
_chem_comp.type
_chem_comp.name
_chem_comp.formula
CL non-polymer 'CHLORIDE ION' 'Cl -1'
MES non-polymer '2-(N-MORPHOLINO)-ETHANESULFONIC ACID' 'C6 H13 N O4 S'
N5Y non-polymer N-(6-amino-1-benzyl-2,4-dioxo-1,2,3,4-tetrahydropyrimidin-5-yl)-N-methylbenzamide 'C19 H18 N4 O3'
#
# COMPACT_ATOMS: atom_id res chain seq x y z
N MET A 1 43.03 -12.95 3.86
CA MET A 1 43.16 -11.56 3.34
C MET A 1 41.95 -10.75 3.75
N LYS A 2 42.18 -9.49 4.10
CA LYS A 2 41.08 -8.64 4.56
C LYS A 2 40.29 -8.06 3.40
N ARG A 3 38.97 -8.03 3.56
CA ARG A 3 38.09 -7.47 2.54
C ARG A 3 37.52 -6.16 3.01
N LYS A 4 37.68 -5.12 2.19
CA LYS A 4 37.14 -3.81 2.49
C LYS A 4 35.90 -3.55 1.65
N GLY A 5 35.04 -2.69 2.17
CA GLY A 5 33.76 -2.40 1.57
C GLY A 5 33.75 -1.01 1.04
N ILE A 6 33.04 -0.81 -0.08
CA ILE A 6 32.75 0.50 -0.59
C ILE A 6 31.23 0.67 -0.79
N ILE A 7 30.69 1.81 -0.41
CA ILE A 7 29.29 2.11 -0.71
C ILE A 7 29.29 3.32 -1.60
N LEU A 8 28.82 3.15 -2.83
CA LEU A 8 28.67 4.28 -3.72
C LEU A 8 27.25 4.78 -3.63
N ALA A 9 27.08 5.95 -3.03
CA ALA A 9 25.80 6.64 -2.98
C ALA A 9 25.89 7.84 -3.90
N GLY A 10 25.89 7.58 -5.21
CA GLY A 10 26.02 8.64 -6.21
C GLY A 10 24.75 9.46 -6.31
N GLY A 11 24.75 10.44 -7.21
CA GLY A 11 23.56 11.28 -7.39
C GLY A 11 22.40 10.57 -8.07
N SER A 12 21.21 11.17 -7.98
CA SER A 12 20.09 10.84 -8.86
C SER A 12 19.95 11.93 -9.94
N GLY A 13 20.85 12.91 -9.92
CA GLY A 13 20.79 14.05 -10.83
C GLY A 13 19.58 14.92 -10.47
N THR A 14 18.83 15.33 -11.49
CA THR A 14 17.57 16.04 -11.31
C THR A 14 16.39 15.09 -11.54
N ARG A 15 16.66 13.80 -11.65
CA ARG A 15 15.64 12.82 -12.03
C ARG A 15 14.42 12.78 -11.12
N LEU A 16 14.63 12.92 -9.82
CA LEU A 16 13.55 12.83 -8.84
C LEU A 16 13.11 14.18 -8.26
N HIS A 17 13.60 15.28 -8.84
CA HIS A 17 13.15 16.62 -8.44
C HIS A 17 11.70 16.79 -8.87
N PRO A 18 10.92 17.56 -8.11
CA PRO A 18 11.27 18.41 -6.96
C PRO A 18 11.35 17.69 -5.64
N ALA A 19 10.98 16.40 -5.61
CA ALA A 19 10.92 15.64 -4.35
C ALA A 19 12.26 15.60 -3.63
N THR A 20 13.35 15.48 -4.38
CA THR A 20 14.70 15.41 -3.82
C THR A 20 15.47 16.76 -3.84
N LEU A 21 14.77 17.86 -4.11
CA LEU A 21 15.40 19.19 -4.12
C LEU A 21 16.02 19.57 -2.78
N ALA A 22 15.33 19.22 -1.69
CA ALA A 22 15.76 19.56 -0.31
C ALA A 22 16.64 18.48 0.34
N ILE A 23 16.53 17.25 -0.15
CA ILE A 23 17.27 16.12 0.38
C ILE A 23 17.52 15.06 -0.71
N SER A 24 18.76 14.58 -0.80
CA SER A 24 19.16 13.65 -1.85
C SER A 24 18.60 12.24 -1.59
N LYS A 25 18.33 11.53 -2.69
CA LYS A 25 17.64 10.25 -2.65
C LYS A 25 18.23 9.30 -1.61
N GLN A 26 19.56 9.15 -1.59
CA GLN A 26 20.19 8.17 -0.69
C GLN A 26 20.22 8.61 0.75
N LEU A 27 19.86 9.87 1.02
CA LEU A 27 19.68 10.31 2.42
C LEU A 27 18.22 10.20 2.87
N LEU A 28 17.30 9.80 1.98
CA LEU A 28 15.90 9.60 2.40
C LEU A 28 15.83 8.37 3.28
N PRO A 29 14.77 8.26 4.09
CA PRO A 29 14.55 7.02 4.81
C PRO A 29 13.77 6.03 3.97
N VAL A 30 13.98 4.72 4.22
CA VAL A 30 13.07 3.72 3.70
C VAL A 30 12.31 3.15 4.92
N TYR A 31 11.03 3.53 4.99
CA TYR A 31 10.21 3.37 6.16
C TYR A 31 10.79 4.05 7.42
N ASP A 32 11.50 3.30 8.25
CA ASP A 32 11.85 3.74 9.60
C ASP A 32 13.33 4.04 9.80
N LYS A 33 14.13 3.94 8.74
CA LYS A 33 15.58 4.15 8.84
C LYS A 33 16.14 4.70 7.54
N PRO A 34 17.32 5.32 7.63
CA PRO A 34 17.93 5.90 6.43
C PRO A 34 18.25 4.86 5.37
N MET A 35 18.07 5.22 4.11
CA MET A 35 18.28 4.30 3.00
C MET A 35 19.61 3.58 3.12
N ILE A 36 20.65 4.32 3.47
CA ILE A 36 22.01 3.79 3.45
C ILE A 36 22.21 2.70 4.48
N TYR A 37 21.39 2.68 5.53
CA TYR A 37 21.44 1.64 6.55
C TYR A 37 21.33 0.24 5.93
N TYR A 38 20.57 0.12 4.85
CA TYR A 38 20.26 -1.19 4.24
C TYR A 38 21.50 -1.81 3.56
N PRO A 39 22.12 -1.12 2.58
CA PRO A 39 23.41 -1.55 2.00
C PRO A 39 24.61 -1.59 2.98
N LEU A 40 24.62 -0.69 3.94
CA LEU A 40 25.58 -0.80 5.03
C LEU A 40 25.42 -2.12 5.78
N SER A 41 24.19 -2.48 6.13
CA SER A 41 23.94 -3.71 6.86
C SER A 41 24.37 -4.92 6.02
N THR A 42 24.13 -4.85 4.72
CA THR A 42 24.53 -5.91 3.81
C THR A 42 26.05 -6.14 3.85
N LEU A 43 26.82 -5.06 3.81
CA LEU A 43 28.27 -5.16 3.92
C LEU A 43 28.66 -5.71 5.29
N MET A 44 27.93 -5.31 6.33
CA MET A 44 28.24 -5.79 7.68
C MET A 44 28.00 -7.28 7.79
N LEU A 45 26.87 -7.75 7.27
CA LEU A 45 26.56 -9.18 7.27
C LEU A 45 27.60 -9.97 6.45
N ALA A 46 28.19 -9.34 5.44
CA ALA A 46 29.23 -10.00 4.64
C ALA A 46 30.58 -10.07 5.37
N GLY A 47 30.66 -9.51 6.58
CA GLY A 47 31.86 -9.59 7.41
C GLY A 47 32.70 -8.33 7.35
N ILE A 48 32.24 -7.31 6.62
CA ILE A 48 33.07 -6.18 6.29
C ILE A 48 32.92 -5.10 7.35
N ARG A 49 34.05 -4.53 7.78
CA ARG A 49 34.07 -3.53 8.87
C ARG A 49 34.72 -2.22 8.45
N GLU A 50 35.64 -2.29 7.48
CA GLU A 50 36.25 -1.08 6.92
C GLU A 50 35.56 -0.75 5.64
N ILE A 51 34.93 0.42 5.63
CA ILE A 51 34.00 0.79 4.58
C ILE A 51 34.21 2.25 4.20
N LEU A 52 34.26 2.51 2.89
CA LEU A 52 34.38 3.86 2.32
C LEU A 52 33.05 4.25 1.68
N ILE A 53 32.43 5.32 2.19
CA ILE A 53 31.22 5.84 1.63
C ILE A 53 31.60 6.97 0.67
N ILE A 54 31.30 6.78 -0.61
CA ILE A 54 31.52 7.77 -1.65
C ILE A 54 30.19 8.38 -2.05
N SER A 55 30.06 9.69 -2.00
CA SER A 55 28.88 10.35 -2.58
C SER A 55 29.26 11.68 -3.22
N THR A 56 28.25 12.45 -3.61
CA THR A 56 28.44 13.75 -4.26
C THR A 56 29.18 14.74 -3.34
N PRO A 57 29.64 15.88 -3.89
CA PRO A 57 30.25 16.92 -3.02
C PRO A 57 29.32 17.38 -1.90
N GLN A 58 28.04 17.52 -2.21
CA GLN A 58 27.06 18.09 -1.28
C GLN A 58 26.63 17.07 -0.22
N ASP A 59 26.51 15.79 -0.62
CA ASP A 59 25.98 14.75 0.25
C ASP A 59 26.97 14.05 1.14
N THR A 60 28.21 13.88 0.66
CA THR A 60 29.25 13.25 1.49
C THR A 60 29.38 13.82 2.91
N PRO A 61 29.44 15.15 3.05
CA PRO A 61 29.42 15.69 4.43
C PRO A 61 28.17 15.29 5.24
N ARG A 62 27.02 15.19 4.59
CA ARG A 62 25.79 14.80 5.28
C ARG A 62 25.81 13.34 5.70
N PHE A 63 26.37 12.46 4.87
CA PHE A 63 26.56 11.08 5.28
C PHE A 63 27.49 11.03 6.44
N GLN A 64 28.49 11.91 6.43
CA GLN A 64 29.51 11.92 7.49
C GLN A 64 28.90 12.29 8.85
N GLN A 65 27.99 13.24 8.85
CA GLN A 65 27.28 13.64 10.07
C GLN A 65 26.32 12.54 10.56
N LEU A 66 25.58 11.90 9.63
CA LEU A 66 24.69 10.79 9.98
C LEU A 66 25.43 9.60 10.62
N LEU A 67 26.59 9.25 10.06
CA LEU A 67 27.25 7.97 10.36
C LEU A 67 28.52 8.07 11.20
N GLY A 68 29.25 9.18 11.05
CA GLY A 68 30.52 9.40 11.78
C GLY A 68 31.64 8.47 11.33
N ASP A 69 32.52 8.13 12.28
CA ASP A 69 33.68 7.29 11.99
C ASP A 69 33.38 5.79 12.15
N GLY A 70 32.17 5.46 12.62
CA GLY A 70 31.72 4.09 12.70
C GLY A 70 32.09 3.35 13.97
N SER A 71 32.87 4.00 14.83
CA SER A 71 33.40 3.34 16.02
C SER A 71 32.30 2.97 17.00
N ASN A 72 31.21 3.73 16.98
CA ASN A 72 30.03 3.40 17.79
C ASN A 72 29.36 2.08 17.42
N TRP A 73 29.49 1.66 16.15
CA TRP A 73 28.92 0.35 15.70
C TRP A 73 30.01 -0.64 15.41
N GLY A 74 31.23 -0.36 15.88
CA GLY A 74 32.34 -1.29 15.69
C GLY A 74 32.85 -1.30 14.26
N LEU A 75 32.53 -0.24 13.52
CA LEU A 75 32.97 -0.10 12.15
C LEU A 75 34.10 0.91 12.07
N ASP A 76 34.66 1.00 10.89
CA ASP A 76 35.67 1.99 10.61
C ASP A 76 35.27 2.56 9.27
N LEU A 77 34.64 3.73 9.32
CA LEU A 77 34.14 4.41 8.13
C LEU A 77 35.01 5.58 7.70
N GLN A 78 35.20 5.71 6.38
CA GLN A 78 35.91 6.83 5.78
C GLN A 78 35.06 7.39 4.64
N TYR A 79 35.47 8.52 4.05
CA TYR A 79 34.64 9.21 3.06
C TYR A 79 35.44 9.73 1.89
N ALA A 80 34.83 9.78 0.71
CA ALA A 80 35.41 10.48 -0.41
C ALA A 80 34.29 10.93 -1.31
N VAL A 81 34.53 11.90 -2.18
CA VAL A 81 33.46 12.39 -3.06
C VAL A 81 33.69 11.95 -4.50
N GLN A 82 32.60 11.80 -5.23
CA GLN A 82 32.62 11.60 -6.67
C GLN A 82 32.16 12.94 -7.23
N PRO A 83 33.12 13.76 -7.68
CA PRO A 83 32.81 15.13 -8.12
C PRO A 83 31.78 15.19 -9.25
N SER A 84 31.76 14.17 -10.10
CA SER A 84 30.85 14.12 -11.24
C SER A 84 30.42 12.67 -11.45
N PRO A 85 29.18 12.44 -11.91
CA PRO A 85 28.68 11.07 -12.03
C PRO A 85 29.21 10.35 -13.28
N ASP A 86 30.50 10.04 -13.27
CA ASP A 86 31.20 9.51 -14.47
C ASP A 86 31.25 7.97 -14.49
N GLY A 87 30.34 7.33 -13.75
CA GLY A 87 30.11 5.90 -13.80
C GLY A 87 30.49 5.24 -12.50
N LEU A 88 29.97 4.03 -12.30
CA LEU A 88 30.12 3.31 -11.03
C LEU A 88 31.54 2.78 -10.81
N ALA A 89 32.21 2.37 -11.88
CA ALA A 89 33.55 1.79 -11.76
C ALA A 89 34.59 2.82 -11.28
N GLN A 90 34.27 4.11 -11.42
CA GLN A 90 35.08 5.17 -10.83
C GLN A 90 35.22 5.04 -9.31
N ALA A 91 34.36 4.26 -8.66
CA ALA A 91 34.54 3.98 -7.22
C ALA A 91 35.92 3.38 -6.92
N PHE A 92 36.49 2.64 -7.86
CA PHE A 92 37.78 2.00 -7.65
C PHE A 92 38.97 2.93 -7.86
N LEU A 93 38.82 3.93 -8.71
CA LEU A 93 39.84 4.96 -8.85
C LEU A 93 39.81 5.88 -7.62
N ILE A 94 38.62 6.36 -7.26
CA ILE A 94 38.44 7.18 -6.07
C ILE A 94 38.91 6.45 -4.82
N GLY A 95 38.66 5.13 -4.77
CA GLY A 95 39.03 4.31 -3.62
C GLY A 95 40.33 3.54 -3.71
N GLU A 96 41.16 3.84 -4.72
CA GLU A 96 42.43 3.14 -4.93
C GLU A 96 43.27 3.05 -3.66
N SER A 97 43.51 4.19 -3.00
CA SER A 97 44.37 4.17 -1.80
C SER A 97 43.68 3.48 -0.63
N PHE A 98 42.37 3.64 -0.53
CA PHE A 98 41.61 2.96 0.53
C PHE A 98 41.66 1.44 0.35
N ILE A 99 41.51 0.96 -0.87
CA ILE A 99 41.58 -0.49 -1.14
C ILE A 99 43.00 -1.04 -0.91
N GLY A 100 44.01 -0.28 -1.32
CA GLY A 100 45.40 -0.72 -1.17
C GLY A 100 45.64 -2.03 -1.88
N ASN A 101 46.16 -3.00 -1.13
CA ASN A 101 46.50 -4.31 -1.64
C ASN A 101 45.43 -5.35 -1.33
N ASP A 102 44.28 -4.91 -0.84
CA ASP A 102 43.29 -5.83 -0.23
C ASP A 102 42.19 -6.29 -1.20
N LEU A 103 41.38 -7.23 -0.76
CA LEU A 103 40.20 -7.63 -1.49
C LEU A 103 39.11 -6.58 -1.21
N SER A 104 38.07 -6.52 -2.04
CA SER A 104 37.05 -5.52 -1.88
C SER A 104 35.64 -6.02 -2.23
N ALA A 105 34.67 -5.15 -1.94
CA ALA A 105 33.27 -5.36 -2.26
C ALA A 105 32.64 -3.99 -2.47
N LEU A 106 31.80 -3.89 -3.50
CA LEU A 106 31.08 -2.69 -3.82
C LEU A 106 29.57 -2.95 -3.73
N VAL A 107 28.85 -2.05 -3.07
CA VAL A 107 27.39 -2.08 -3.00
C VAL A 107 26.82 -0.69 -3.33
N LEU A 108 25.72 -0.66 -4.06
CA LEU A 108 25.13 0.62 -4.40
C LEU A 108 24.32 1.14 -3.20
N GLY A 109 24.38 2.45 -2.97
CA GLY A 109 23.80 3.05 -1.77
C GLY A 109 22.29 3.00 -1.69
N ASP A 110 21.65 2.62 -2.79
CA ASP A 110 20.22 2.61 -2.91
C ASP A 110 19.63 1.18 -3.20
N ASN A 111 20.39 0.14 -2.89
CA ASN A 111 19.88 -1.23 -3.03
C ASN A 111 19.53 -1.85 -1.71
N LEU A 112 18.31 -2.42 -1.63
CA LEU A 112 17.81 -3.12 -0.45
C LEU A 112 17.71 -4.59 -0.75
N TYR A 113 18.29 -5.40 0.11
CA TYR A 113 18.21 -6.84 0.04
C TYR A 113 17.53 -7.39 1.28
N TYR A 114 16.68 -8.40 1.09
CA TYR A 114 16.08 -9.16 2.18
C TYR A 114 16.00 -10.65 1.83
N GLY A 115 16.24 -11.51 2.82
CA GLY A 115 15.90 -12.92 2.70
C GLY A 115 16.63 -13.81 3.67
N HIS A 116 16.35 -15.10 3.58
CA HIS A 116 16.87 -16.08 4.53
C HIS A 116 18.20 -16.64 4.11
N ASP A 117 19.08 -16.78 5.08
CA ASP A 117 20.40 -17.36 4.87
C ASP A 117 21.23 -16.39 4.04
N PHE A 118 20.95 -15.10 4.20
CA PHE A 118 21.64 -14.06 3.44
C PHE A 118 23.13 -14.06 3.82
N HIS A 119 23.41 -14.46 5.07
CA HIS A 119 24.78 -14.59 5.55
C HIS A 119 25.52 -15.60 4.76
N GLU A 120 24.88 -16.74 4.52
CA GLU A 120 25.52 -17.79 3.73
C GLU A 120 25.69 -17.38 2.27
N LEU A 121 24.69 -16.68 1.69
CA LEU A 121 24.80 -16.27 0.28
C LEU A 121 26.05 -15.41 0.05
N LEU A 122 26.25 -14.42 0.90
CA LEU A 122 27.40 -13.51 0.82
C LEU A 122 28.74 -14.16 1.23
N GLY A 123 28.68 -15.05 2.21
CA GLY A 123 29.88 -15.69 2.77
C GLY A 123 30.73 -16.38 1.72
N SER A 124 30.06 -17.08 0.80
CA SER A 124 30.70 -17.84 -0.27
C SER A 124 31.26 -16.97 -1.38
N ALA A 125 30.83 -15.72 -1.45
CA ALA A 125 31.50 -14.74 -2.30
C ALA A 125 32.66 -14.12 -1.49
N SER A 126 32.45 -13.91 -0.19
CA SER A 126 33.45 -13.27 0.63
C SER A 126 34.68 -14.16 0.82
N GLN A 127 34.48 -15.47 0.76
CA GLN A 127 35.51 -16.45 1.01
C GLN A 127 36.45 -16.58 -0.19
N ARG A 128 35.99 -16.19 -1.38
CA ARG A 128 36.80 -16.31 -2.59
C ARG A 128 37.98 -15.31 -2.65
N GLN A 129 39.19 -15.85 -2.53
CA GLN A 129 40.41 -15.03 -2.46
C GLN A 129 40.90 -14.51 -3.81
N THR A 130 40.49 -15.16 -4.91
CA THR A 130 40.82 -14.71 -6.27
C THR A 130 39.54 -14.66 -7.11
N GLY A 131 39.57 -13.85 -8.15
CA GLY A 131 38.45 -13.73 -9.04
C GLY A 131 37.45 -12.71 -8.49
N ALA A 132 36.33 -12.59 -9.19
CA ALA A 132 35.25 -11.71 -8.81
C ALA A 132 33.94 -12.50 -8.73
N SER A 133 33.03 -12.03 -7.88
CA SER A 133 31.70 -12.64 -7.70
C SER A 133 30.60 -11.58 -7.80
N VAL A 134 29.54 -11.90 -8.53
CA VAL A 134 28.38 -11.04 -8.66
C VAL A 134 27.13 -11.91 -8.50
N PHE A 135 25.98 -11.24 -8.39
CA PHE A 135 24.71 -11.94 -8.20
C PHE A 135 23.71 -11.58 -9.28
N ALA A 136 23.04 -12.60 -9.78
CA ALA A 136 22.04 -12.46 -10.84
C ALA A 136 20.67 -12.75 -10.24
N TYR A 137 19.70 -11.93 -10.60
CA TYR A 137 18.37 -11.96 -10.02
C TYR A 137 17.38 -11.74 -11.14
N HIS A 138 16.37 -12.61 -11.20
CA HIS A 138 15.34 -12.51 -12.20
C HIS A 138 14.47 -11.28 -11.99
N VAL A 139 14.37 -10.43 -13.01
CA VAL A 139 13.53 -9.23 -12.96
C VAL A 139 12.61 -9.14 -14.16
N LEU A 140 11.54 -8.34 -14.02
CA LEU A 140 10.61 -8.05 -15.11
C LEU A 140 11.28 -7.26 -16.23
N ASP A 141 12.12 -6.30 -15.86
CA ASP A 141 12.60 -5.26 -16.76
C ASP A 141 14.15 -5.28 -16.87
N PRO A 142 14.73 -6.37 -17.40
CA PRO A 142 16.20 -6.52 -17.39
C PRO A 142 16.93 -5.43 -18.19
N GLU A 143 16.26 -4.85 -19.18
CA GLU A 143 16.84 -3.80 -20.02
C GLU A 143 17.35 -2.56 -19.25
N ARG A 144 16.95 -2.40 -18.00
CA ARG A 144 17.42 -1.31 -17.17
C ARG A 144 18.77 -1.59 -16.53
N TYR A 145 19.21 -2.85 -16.52
CA TYR A 145 20.35 -3.25 -15.70
C TYR A 145 21.46 -3.86 -16.54
N GLY A 146 22.55 -4.27 -15.89
CA GLY A 146 23.50 -5.18 -16.51
C GLY A 146 22.85 -6.55 -16.58
N VAL A 147 22.98 -7.21 -17.73
CA VAL A 147 22.27 -8.45 -18.00
C VAL A 147 23.19 -9.59 -18.30
N VAL A 148 22.89 -10.74 -17.71
CA VAL A 148 23.78 -11.90 -17.83
C VAL A 148 23.10 -12.98 -18.64
N GLU A 149 23.76 -13.42 -19.70
CA GLU A 149 23.29 -14.52 -20.51
C GLU A 149 23.94 -15.79 -20.00
N PHE A 150 23.14 -16.84 -19.86
CA PHE A 150 23.62 -18.17 -19.49
C PHE A 150 23.37 -19.14 -20.63
N ASP A 151 24.28 -20.10 -20.80
CA ASP A 151 24.06 -21.17 -21.78
C ASP A 151 23.17 -22.24 -21.15
N GLN A 152 22.83 -23.27 -21.94
CA GLN A 152 21.93 -24.35 -21.49
C GLN A 152 22.40 -25.08 -20.24
N GLY A 153 23.70 -25.05 -19.96
CA GLY A 153 24.23 -25.71 -18.76
C GLY A 153 24.36 -24.83 -17.53
N GLY A 154 23.85 -23.59 -17.62
CA GLY A 154 23.94 -22.64 -16.49
C GLY A 154 25.19 -21.77 -16.45
N LYS A 155 26.02 -21.85 -17.47
CA LYS A 155 27.27 -21.09 -17.47
C LYS A 155 27.06 -19.66 -17.95
N ALA A 156 27.58 -18.69 -17.20
CA ALA A 156 27.54 -17.30 -17.63
C ALA A 156 28.45 -17.16 -18.86
N ILE A 157 27.92 -16.61 -19.95
CA ILE A 157 28.67 -16.47 -21.20
C ILE A 157 28.70 -15.08 -21.81
N SER A 158 27.87 -14.16 -21.29
CA SER A 158 27.94 -12.77 -21.73
C SER A 158 27.26 -11.79 -20.77
N LEU A 159 27.73 -10.55 -20.81
CA LEU A 159 27.20 -9.45 -20.04
C LEU A 159 26.99 -8.31 -20.98
N GLU A 160 25.87 -7.64 -20.84
CA GLU A 160 25.59 -6.41 -21.58
C GLU A 160 24.96 -5.39 -20.65
N GLU A 161 25.38 -4.14 -20.78
CA GLU A 161 24.82 -3.07 -19.95
C GLU A 161 23.61 -2.49 -20.65
N LYS A 162 22.44 -2.64 -20.04
CA LYS A 162 21.21 -2.04 -20.59
C LYS A 162 20.96 -2.38 -22.06
N PRO A 163 21.04 -3.67 -22.41
CA PRO A 163 20.80 -3.99 -23.82
C PRO A 163 19.36 -3.63 -24.23
N LEU A 164 19.19 -3.22 -25.49
CA LEU A 164 17.86 -2.98 -26.05
C LEU A 164 17.11 -4.28 -26.26
N GLU A 165 17.83 -5.36 -26.57
CA GLU A 165 17.24 -6.71 -26.68
C GLU A 165 17.87 -7.70 -25.68
N PRO A 166 17.39 -7.68 -24.43
CA PRO A 166 18.10 -8.46 -23.42
C PRO A 166 18.09 -9.93 -23.75
N LYS A 167 19.18 -10.61 -23.43
CA LYS A 167 19.38 -12.01 -23.78
C LYS A 167 18.82 -12.92 -22.72
N SER A 168 18.53 -12.34 -21.55
CA SER A 168 17.80 -13.04 -20.52
C SER A 168 17.06 -12.04 -19.63
N ASN A 169 16.38 -12.58 -18.61
CA ASN A 169 15.70 -11.79 -17.58
C ASN A 169 16.51 -11.62 -16.29
N TYR A 170 17.79 -11.98 -16.33
CA TYR A 170 18.65 -11.98 -15.16
C TYR A 170 19.47 -10.71 -15.11
N ALA A 171 19.25 -9.92 -14.05
CA ALA A 171 19.94 -8.66 -13.89
C ALA A 171 21.07 -8.89 -12.93
N VAL A 172 22.20 -8.23 -13.15
CA VAL A 172 23.28 -8.28 -12.19
C VAL A 172 22.96 -7.28 -11.08
N THR A 173 22.89 -7.72 -9.84
CA THR A 173 22.53 -6.81 -8.74
C THR A 173 23.69 -5.87 -8.40
N GLY A 174 23.36 -4.82 -7.63
CA GLY A 174 24.35 -3.80 -7.25
C GLY A 174 25.18 -4.17 -6.04
N LEU A 175 25.64 -5.41 -6.01
CA LEU A 175 26.54 -5.91 -4.99
C LEU A 175 27.62 -6.75 -5.70
N TYR A 176 28.88 -6.40 -5.53
CA TYR A 176 29.99 -6.98 -6.31
C TYR A 176 31.17 -7.27 -5.38
N PHE A 177 31.76 -8.46 -5.50
CA PHE A 177 32.96 -8.83 -4.74
C PHE A 177 34.16 -9.00 -5.70
N TYR A 178 35.32 -8.50 -5.28
CA TYR A 178 36.51 -8.42 -6.14
C TYR A 178 37.79 -8.81 -5.43
N ASP A 179 38.72 -9.33 -6.20
CA ASP A 179 40.07 -9.60 -5.71
C ASP A 179 40.92 -8.36 -5.98
N GLN A 180 42.24 -8.54 -5.96
CA GLN A 180 43.14 -7.40 -6.06
C GLN A 180 43.37 -6.91 -7.48
N GLN A 181 42.73 -7.53 -8.46
CA GLN A 181 42.93 -7.09 -9.83
C GLN A 181 42.04 -5.90 -10.16
N VAL A 182 41.04 -5.59 -9.31
CA VAL A 182 39.97 -4.69 -9.74
C VAL A 182 40.44 -3.27 -10.03
N VAL A 183 41.40 -2.78 -9.24
CA VAL A 183 41.83 -1.39 -9.39
C VAL A 183 42.54 -1.20 -10.74
N ASP A 184 43.41 -2.17 -11.07
CA ASP A 184 44.10 -2.17 -12.38
C ASP A 184 43.13 -2.31 -13.54
N ILE A 185 42.12 -3.18 -13.42
CA ILE A 185 41.11 -3.24 -14.50
C ILE A 185 40.40 -1.89 -14.60
N ALA A 186 40.04 -1.31 -13.47
CA ALA A 186 39.37 -0.01 -13.49
C ALA A 186 40.25 1.08 -14.11
N ARG A 187 41.55 1.14 -13.77
CA ARG A 187 42.44 2.19 -14.36
C ARG A 187 42.57 2.11 -15.90
N ASP A 188 42.47 0.91 -16.46
CA ASP A 188 42.52 0.71 -17.90
C ASP A 188 41.21 1.04 -18.62
N LEU A 189 40.13 1.24 -17.89
CA LEU A 189 38.82 1.47 -18.52
C LEU A 189 38.76 2.81 -19.24
N LYS A 190 38.12 2.83 -20.40
CA LYS A 190 37.82 4.07 -21.09
C LYS A 190 36.31 4.26 -21.09
N PRO A 191 35.84 5.50 -21.31
CA PRO A 191 34.41 5.75 -21.18
C PRO A 191 33.60 5.09 -22.26
N SER A 192 32.39 4.63 -21.90
CA SER A 192 31.46 4.01 -22.85
C SER A 192 30.79 5.07 -23.73
N PRO A 193 29.98 4.63 -24.72
CA PRO A 193 29.20 5.58 -25.54
C PRO A 193 28.26 6.51 -24.77
N ARG A 194 27.85 6.13 -23.56
CA ARG A 194 27.09 7.04 -22.68
C ARG A 194 28.00 7.84 -21.73
N GLY A 195 29.32 7.82 -21.98
CA GLY A 195 30.27 8.63 -21.25
C GLY A 195 30.59 8.16 -19.84
N GLU A 196 30.39 6.88 -19.56
CA GLU A 196 30.62 6.37 -18.20
C GLU A 196 31.66 5.28 -18.15
N LEU A 197 32.37 5.20 -17.02
CA LEU A 197 33.22 4.06 -16.71
C LEU A 197 32.32 2.99 -16.09
N GLU A 198 32.10 1.94 -16.87
CA GLU A 198 31.06 0.95 -16.62
C GLU A 198 31.57 -0.18 -15.74
N ILE A 199 30.86 -0.45 -14.64
CA ILE A 199 31.12 -1.63 -13.82
C ILE A 199 30.93 -2.89 -14.64
N THR A 200 30.11 -2.87 -15.68
CA THR A 200 29.89 -4.07 -16.49
C THR A 200 31.12 -4.38 -17.33
N ASP A 201 31.92 -3.36 -17.67
CA ASP A 201 33.19 -3.60 -18.39
C ASP A 201 34.17 -4.24 -17.45
N VAL A 202 34.09 -3.87 -16.17
CA VAL A 202 34.96 -4.49 -15.18
C VAL A 202 34.59 -5.98 -15.08
N ASN A 203 33.31 -6.26 -14.88
CA ASN A 203 32.85 -7.64 -14.75
C ASN A 203 33.16 -8.46 -16.00
N ARG A 204 32.99 -7.86 -17.17
CA ARG A 204 33.33 -8.57 -18.39
C ARG A 204 34.82 -8.89 -18.47
N ALA A 205 35.67 -8.01 -17.94
CA ALA A 205 37.10 -8.28 -17.94
C ALA A 205 37.38 -9.51 -17.12
N TYR A 206 36.76 -9.65 -15.95
CA TYR A 206 36.92 -10.91 -15.19
C TYR A 206 36.36 -12.10 -15.97
N LEU A 207 35.23 -11.89 -16.64
CA LEU A 207 34.56 -12.96 -17.38
C LEU A 207 35.46 -13.51 -18.51
N GLU A 208 36.12 -12.61 -19.25
CA GLU A 208 37.01 -12.99 -20.34
C GLU A 208 38.34 -13.61 -19.89
N ARG A 209 38.61 -13.57 -18.59
CA ARG A 209 39.75 -14.27 -18.00
C ARG A 209 39.32 -15.56 -17.35
N GLY A 210 38.04 -15.90 -17.41
CA GLY A 210 37.55 -17.07 -16.68
C GLY A 210 37.53 -16.90 -15.17
N GLN A 211 37.44 -15.67 -14.69
CA GLN A 211 37.50 -15.42 -13.25
C GLN A 211 36.28 -14.70 -12.67
N LEU A 212 35.15 -14.82 -13.35
CA LEU A 212 33.88 -14.28 -12.84
C LEU A 212 32.98 -15.42 -12.35
N SER A 213 32.54 -15.32 -11.11
CA SER A 213 31.58 -16.28 -10.59
C SER A 213 30.23 -15.55 -10.55
N VAL A 214 29.27 -16.07 -11.30
CA VAL A 214 27.90 -15.55 -11.23
C VAL A 214 27.03 -16.48 -10.39
N GLU A 215 26.64 -16.02 -9.20
CA GLU A 215 25.72 -16.82 -8.40
C GLU A 215 24.31 -16.26 -8.50
N ILE A 216 23.34 -17.17 -8.42
CA ILE A 216 21.94 -16.80 -8.51
C ILE A 216 21.48 -16.30 -7.15
N MET A 217 20.94 -15.08 -7.10
CA MET A 217 20.14 -14.69 -5.95
C MET A 217 18.73 -15.17 -6.26
N GLY A 218 18.29 -16.19 -5.53
CA GLY A 218 17.04 -16.85 -5.80
C GLY A 218 15.82 -15.96 -5.63
N ARG A 219 14.70 -16.42 -6.18
CA ARG A 219 13.45 -15.69 -6.15
C ARG A 219 12.88 -15.54 -4.73
N GLY A 220 13.36 -16.33 -3.78
CA GLY A 220 13.02 -16.19 -2.38
C GLY A 220 13.70 -15.06 -1.65
N TYR A 221 14.54 -14.30 -2.35
CA TYR A 221 15.11 -13.08 -1.83
C TYR A 221 14.40 -11.91 -2.45
N ALA A 222 14.30 -10.82 -1.69
CA ALA A 222 13.78 -9.57 -2.22
C ALA A 222 14.97 -8.67 -2.49
N TRP A 223 15.08 -8.23 -3.74
CA TRP A 223 15.98 -7.20 -4.13
C TRP A 223 15.12 -6.07 -4.65
N LEU A 224 15.11 -4.94 -3.95
CA LEU A 224 14.35 -3.77 -4.37
C LEU A 224 15.32 -2.65 -4.73
N ASP A 225 15.06 -1.94 -5.81
CA ASP A 225 15.69 -0.64 -5.94
C ASP A 225 14.67 0.48 -5.81
N THR A 226 15.23 1.67 -5.69
CA THR A 226 14.53 2.83 -5.28
C THR A 226 14.64 3.82 -6.41
N GLY A 227 14.37 3.33 -7.63
CA GLY A 227 14.62 4.12 -8.84
C GLY A 227 13.58 5.18 -9.14
N THR A 228 12.36 4.96 -8.66
CA THR A 228 11.27 5.89 -8.92
C THR A 228 10.51 6.20 -7.62
N HIS A 229 9.61 7.17 -7.67
CA HIS A 229 8.81 7.47 -6.48
C HIS A 229 7.94 6.29 -6.16
N ASP A 230 7.42 5.65 -7.19
CA ASP A 230 6.61 4.40 -7.04
C ASP A 230 7.32 3.24 -6.35
N SER A 231 8.56 2.98 -6.73
CA SER A 231 9.30 1.85 -6.15
C SER A 231 9.76 2.18 -4.72
N LEU A 232 10.03 3.47 -4.46
CA LEU A 232 10.40 3.96 -3.12
C LEU A 232 9.30 3.61 -2.14
N LEU A 233 8.06 3.86 -2.57
CA LEU A 233 6.86 3.57 -1.82
C LEU A 233 6.63 2.08 -1.59
N GLU A 234 6.75 1.31 -2.67
CA GLU A 234 6.66 -0.16 -2.58
C GLU A 234 7.69 -0.71 -1.61
N ALA A 235 8.88 -0.13 -1.62
CA ALA A 235 9.94 -0.55 -0.74
C ALA A 235 9.54 -0.29 0.72
N GLY A 236 9.02 0.91 0.98
CA GLY A 236 8.54 1.28 2.29
C GLY A 236 7.47 0.38 2.86
N GLN A 237 6.46 0.07 2.07
CA GLN A 237 5.38 -0.84 2.43
C GLN A 237 5.89 -2.23 2.74
N PHE A 238 6.87 -2.67 1.94
CA PHE A 238 7.43 -4.00 2.02
C PHE A 238 8.16 -4.21 3.34
N ILE A 239 9.06 -3.30 3.68
CA ILE A 239 9.73 -3.32 4.97
C ILE A 239 8.67 -3.17 6.12
N ALA A 240 7.69 -2.29 5.96
CA ALA A 240 6.69 -2.05 7.02
C ALA A 240 5.95 -3.34 7.35
N THR A 241 5.50 -4.03 6.32
CA THR A 241 4.80 -5.29 6.49
C THR A 241 5.64 -6.35 7.21
N LEU A 242 6.94 -6.44 6.88
CA LEU A 242 7.80 -7.42 7.55
C LEU A 242 7.98 -7.05 9.01
N GLU A 243 8.27 -5.77 9.26
CA GLU A 243 8.56 -5.30 10.60
C GLU A 243 7.37 -5.38 11.55
N ASN A 244 6.21 -4.94 11.09
CA ASN A 244 5.01 -4.98 11.92
C ASN A 244 4.46 -6.40 12.13
N ARG A 245 4.75 -7.30 11.19
CA ARG A 245 4.44 -8.71 11.36
C ARG A 245 5.36 -9.32 12.44
N GLN A 246 6.66 -9.06 12.35
CA GLN A 246 7.62 -9.80 13.17
C GLN A 246 8.00 -9.16 14.50
N GLY A 247 7.86 -7.85 14.60
CA GLY A 247 8.45 -7.12 15.72
C GLY A 247 9.97 -7.17 15.66
N LEU A 248 10.52 -7.42 14.47
CA LEU A 248 11.96 -7.38 14.22
C LEU A 248 12.22 -6.44 13.06
N LYS A 249 13.34 -5.71 13.13
CA LYS A 249 13.66 -4.75 12.10
C LYS A 249 14.49 -5.43 11.02
N VAL A 250 14.35 -4.97 9.78
CA VAL A 250 15.27 -5.32 8.71
C VAL A 250 16.37 -4.28 8.59
N ALA A 251 17.62 -4.74 8.54
CA ALA A 251 18.77 -3.87 8.27
C ALA A 251 19.00 -2.80 9.34
N CYS A 252 18.95 -3.21 10.60
CA CYS A 252 19.28 -2.36 11.72
C CYS A 252 20.75 -2.57 12.03
N PRO A 253 21.60 -1.58 11.72
CA PRO A 253 23.04 -1.81 11.83
C PRO A 253 23.53 -2.08 13.23
N GLU A 254 22.94 -1.43 14.22
CA GLU A 254 23.30 -1.64 15.62
C GLU A 254 23.10 -3.10 15.99
N GLU A 255 21.99 -3.68 15.51
CA GLU A 255 21.69 -5.07 15.78
C GLU A 255 22.71 -5.99 15.11
N ILE A 256 23.04 -5.73 13.85
CA ILE A 256 23.99 -6.58 13.14
C ILE A 256 25.37 -6.53 13.82
N ALA A 257 25.87 -5.31 14.09
CA ALA A 257 27.08 -5.13 14.89
C ALA A 257 27.01 -5.92 16.20
N TYR A 258 25.87 -5.89 16.87
CA TYR A 258 25.71 -6.58 18.17
C TYR A 258 25.69 -8.09 18.01
N ARG A 259 24.98 -8.57 16.99
CA ARG A 259 24.94 -10.01 16.70
C ARG A 259 26.26 -10.52 16.12
N GLN A 260 27.01 -9.66 15.44
CA GLN A 260 28.36 -10.00 14.97
C GLN A 260 29.43 -9.92 16.08
N LYS A 261 29.03 -9.72 17.34
CA LYS A 261 29.96 -9.53 18.47
C LYS A 261 30.95 -8.40 18.21
N TRP A 262 30.51 -7.34 17.55
CA TRP A 262 31.39 -6.18 17.28
C TRP A 262 31.24 -5.09 18.30
N ILE A 263 30.04 -4.91 18.83
CA ILE A 263 29.85 -4.09 20.01
C ILE A 263 29.29 -5.02 21.07
N ASP A 264 29.39 -4.60 22.34
CA ASP A 264 28.88 -5.38 23.46
C ASP A 264 27.54 -4.83 23.95
N ALA A 265 26.92 -5.54 24.90
CA ALA A 265 25.64 -5.13 25.46
C ALA A 265 25.69 -3.73 26.08
N ALA A 266 26.80 -3.42 26.76
CA ALA A 266 27.00 -2.10 27.36
C ALA A 266 26.89 -1.01 26.30
N GLN A 267 27.70 -1.14 25.25
CA GLN A 267 27.73 -0.19 24.14
C GLN A 267 26.37 -0.07 23.44
N LEU A 268 25.69 -1.20 23.28
CA LEU A 268 24.35 -1.21 22.69
C LEU A 268 23.37 -0.41 23.55
N GLU A 269 23.39 -0.66 24.85
CA GLU A 269 22.56 0.08 25.80
C GLU A 269 22.82 1.59 25.72
N LYS A 270 24.09 1.93 25.54
CA LYS A 270 24.55 3.31 25.42
C LYS A 270 24.11 3.97 24.10
N LEU A 271 23.94 3.18 23.04
CA LEU A 271 23.42 3.69 21.77
C LEU A 271 21.89 3.83 21.84
N ALA A 272 21.28 2.98 22.67
CA ALA A 272 19.83 2.94 22.88
C ALA A 272 19.26 4.10 23.71
N ALA A 273 20.04 4.65 24.63
CA ALA A 273 19.55 5.70 25.56
C ALA A 273 19.10 6.99 24.88
N PRO A 274 19.93 7.57 23.99
CA PRO A 274 19.50 8.81 23.31
C PRO A 274 18.19 8.70 22.50
N LEU A 275 17.86 7.52 22.03
CA LEU A 275 16.62 7.28 21.28
C LEU A 275 15.54 6.62 22.16
N ALA A 276 15.77 6.62 23.49
CA ALA A 276 14.96 5.85 24.45
C ALA A 276 13.46 6.05 24.35
N LYS A 277 13.04 7.20 23.81
CA LYS A 277 11.65 7.62 23.78
C LYS A 277 10.90 7.20 22.52
N ASN A 278 11.63 6.92 21.43
CA ASN A 278 10.99 6.41 20.20
C ASN A 278 11.14 4.89 20.03
N GLY A 279 10.39 4.35 19.06
CA GLY A 279 10.39 2.91 18.76
C GLY A 279 11.76 2.32 18.50
N TYR A 280 12.64 3.11 17.88
CA TYR A 280 13.96 2.61 17.46
C TYR A 280 14.82 2.31 18.68
N GLY A 281 14.97 3.29 19.56
CA GLY A 281 15.69 3.08 20.82
C GLY A 281 15.08 1.96 21.65
N GLN A 282 13.76 1.92 21.72
CA GLN A 282 13.07 0.85 22.45
C GLN A 282 13.41 -0.51 21.87
N TYR A 283 13.45 -0.59 20.54
CA TYR A 283 13.80 -1.82 19.85
C TYR A 283 15.21 -2.24 20.23
N LEU A 284 16.14 -1.30 20.24
CA LEU A 284 17.53 -1.59 20.61
C LEU A 284 17.61 -2.08 22.04
N LYS A 285 16.79 -1.49 22.90
CA LYS A 285 16.71 -1.94 24.30
C LYS A 285 16.17 -3.35 24.39
N ARG A 286 15.08 -3.65 23.68
CA ARG A 286 14.51 -5.00 23.74
C ARG A 286 15.53 -6.08 23.32
N LEU A 287 16.33 -5.80 22.30
CA LEU A 287 17.36 -6.75 21.84
C LEU A 287 18.33 -7.20 22.93
N LEU A 288 18.44 -6.41 24.00
CA LEU A 288 19.33 -6.73 25.12
C LEU A 288 18.89 -7.93 25.95
N THR A 289 17.57 -8.13 26.05
CA THR A 289 17.01 -9.12 26.98
C THR A 289 16.19 -10.22 26.31
N GLU A 290 16.08 -10.19 24.99
CA GLU A 290 15.36 -11.23 24.27
C GLU A 290 16.33 -12.08 23.46
N THR A 291 16.08 -13.38 23.39
CA THR A 291 16.81 -14.26 22.50
C THR A 291 16.02 -14.33 21.19
N VAL A 292 16.68 -13.96 20.09
CA VAL A 292 16.13 -14.09 18.74
C VAL A 292 17.02 -15.07 17.95
N TYR A 293 16.40 -16.10 17.38
CA TYR A 293 17.14 -17.13 16.65
C TYR A 293 17.15 -16.89 15.14
N LYS B 2 6.19 -41.32 1.83
CA LYS B 2 4.78 -40.92 1.53
C LYS B 2 4.17 -40.15 2.70
N ARG B 3 3.55 -39.01 2.40
CA ARG B 3 2.82 -38.23 3.39
C ARG B 3 1.51 -37.71 2.78
N LYS B 4 0.41 -37.84 3.51
CA LYS B 4 -0.89 -37.32 3.07
C LYS B 4 -1.04 -35.87 3.58
N GLY B 5 -1.76 -35.03 2.83
CA GLY B 5 -1.89 -33.60 3.17
C GLY B 5 -3.33 -33.22 3.44
N ILE B 6 -3.51 -32.28 4.36
CA ILE B 6 -4.85 -31.77 4.64
C ILE B 6 -4.86 -30.24 4.66
N ILE B 7 -5.76 -29.63 3.90
CA ILE B 7 -5.96 -28.18 3.95
C ILE B 7 -7.27 -27.92 4.68
N LEU B 8 -7.20 -27.28 5.84
CA LEU B 8 -8.40 -26.94 6.56
C LEU B 8 -8.82 -25.52 6.17
N ALA B 9 -9.78 -25.41 5.27
CA ALA B 9 -10.30 -24.12 4.85
C ALA B 9 -11.65 -23.90 5.52
N GLY B 10 -11.61 -23.64 6.82
CA GLY B 10 -12.81 -23.57 7.62
C GLY B 10 -13.57 -22.28 7.47
N GLY B 11 -14.37 -21.97 8.49
CA GLY B 11 -15.03 -20.68 8.57
C GLY B 11 -14.12 -19.70 9.27
N SER B 12 -14.19 -18.43 8.85
CA SER B 12 -13.73 -17.32 9.71
C SER B 12 -14.89 -16.88 10.63
N GLY B 13 -15.94 -17.71 10.71
CA GLY B 13 -17.16 -17.38 11.44
C GLY B 13 -17.87 -16.20 10.81
N THR B 14 -18.15 -15.18 11.62
CA THR B 14 -18.75 -13.96 11.12
C THR B 14 -17.77 -12.80 11.23
N ARG B 15 -16.51 -13.10 11.52
CA ARG B 15 -15.55 -12.07 11.94
C ARG B 15 -15.00 -11.18 10.82
N LEU B 16 -15.01 -11.67 9.59
CA LEU B 16 -14.73 -10.83 8.41
C LEU B 16 -16.01 -10.47 7.63
N HIS B 17 -17.17 -10.60 8.28
CA HIS B 17 -18.42 -10.18 7.69
C HIS B 17 -18.49 -8.68 7.75
N PRO B 18 -19.04 -8.03 6.70
CA PRO B 18 -19.74 -8.60 5.54
C PRO B 18 -18.91 -8.88 4.28
N ALA B 19 -17.61 -8.64 4.30
CA ALA B 19 -16.77 -8.97 3.14
C ALA B 19 -16.83 -10.46 2.76
N THR B 20 -16.91 -11.34 3.75
CA THR B 20 -17.00 -12.78 3.48
C THR B 20 -18.45 -13.31 3.53
N LEU B 21 -19.45 -12.44 3.45
CA LEU B 21 -20.83 -12.90 3.36
C LEU B 21 -21.05 -13.68 2.06
N ALA B 22 -20.58 -13.13 0.94
CA ALA B 22 -20.75 -13.77 -0.37
C ALA B 22 -19.71 -14.84 -0.68
N ILE B 23 -18.64 -14.91 0.12
CA ILE B 23 -17.52 -15.81 -0.19
C ILE B 23 -16.67 -16.21 1.03
N SER B 24 -16.38 -17.51 1.15
CA SER B 24 -15.42 -18.02 2.13
C SER B 24 -14.10 -17.26 2.06
N LYS B 25 -13.50 -16.98 3.20
CA LYS B 25 -12.29 -16.19 3.22
C LYS B 25 -11.24 -16.83 2.32
N GLN B 26 -11.12 -18.15 2.34
CA GLN B 26 -10.04 -18.80 1.59
C GLN B 26 -10.31 -18.90 0.09
N LEU B 27 -11.48 -18.44 -0.36
CA LEU B 27 -11.71 -18.31 -1.81
C LEU B 27 -11.49 -16.89 -2.32
N LEU B 28 -11.24 -15.94 -1.42
CA LEU B 28 -10.85 -14.59 -1.79
C LEU B 28 -9.45 -14.64 -2.41
N PRO B 29 -9.11 -13.68 -3.26
CA PRO B 29 -7.75 -13.68 -3.78
C PRO B 29 -6.77 -12.88 -2.91
N VAL B 30 -5.51 -13.30 -2.94
CA VAL B 30 -4.43 -12.48 -2.44
C VAL B 30 -3.72 -12.04 -3.72
N TYR B 31 -3.99 -10.79 -4.10
CA TYR B 31 -3.50 -10.20 -5.35
C TYR B 31 -4.08 -10.87 -6.60
N ASP B 32 -3.42 -11.89 -7.13
CA ASP B 32 -3.77 -12.43 -8.46
C ASP B 32 -4.27 -13.86 -8.43
N LYS B 33 -4.42 -14.45 -7.26
CA LYS B 33 -4.83 -15.83 -7.20
C LYS B 33 -5.59 -16.11 -5.93
N PRO B 34 -6.48 -17.12 -5.96
CA PRO B 34 -7.25 -17.50 -4.78
C PRO B 34 -6.34 -17.87 -3.58
N MET B 35 -6.77 -17.49 -2.39
CA MET B 35 -6.01 -17.65 -1.18
C MET B 35 -5.53 -19.08 -0.97
N ILE B 36 -6.36 -20.05 -1.34
CA ILE B 36 -6.01 -21.45 -1.11
C ILE B 36 -4.82 -21.93 -1.96
N TYR B 37 -4.53 -21.27 -3.09
CA TYR B 37 -3.34 -21.61 -3.90
C TYR B 37 -2.04 -21.55 -3.11
N TYR B 38 -2.00 -20.69 -2.09
CA TYR B 38 -0.76 -20.51 -1.33
C TYR B 38 -0.41 -21.70 -0.40
N PRO B 39 -1.37 -22.15 0.42
CA PRO B 39 -1.11 -23.34 1.22
C PRO B 39 -1.09 -24.63 0.39
N LEU B 40 -1.86 -24.65 -0.68
CA LEU B 40 -1.80 -25.77 -1.59
C LEU B 40 -0.37 -25.87 -2.14
N SER B 41 0.14 -24.74 -2.63
CA SER B 41 1.52 -24.67 -3.14
C SER B 41 2.56 -25.08 -2.09
N THR B 42 2.28 -24.73 -0.83
CA THR B 42 3.12 -25.12 0.28
C THR B 42 3.20 -26.64 0.50
N LEU B 43 2.06 -27.32 0.46
CA LEU B 43 2.04 -28.76 0.58
C LEU B 43 2.72 -29.42 -0.62
N MET B 44 2.48 -28.89 -1.82
CA MET B 44 3.13 -29.41 -3.02
C MET B 44 4.63 -29.29 -2.88
N LEU B 45 5.10 -28.14 -2.39
CA LEU B 45 6.53 -27.93 -2.18
C LEU B 45 7.09 -28.92 -1.14
N ALA B 46 6.26 -29.36 -0.20
CA ALA B 46 6.66 -30.42 0.78
C ALA B 46 6.65 -31.82 0.17
N GLY B 47 6.33 -31.90 -1.12
CA GLY B 47 6.28 -33.17 -1.85
C GLY B 47 4.98 -33.92 -1.71
N ILE B 48 3.93 -33.27 -1.20
CA ILE B 48 2.65 -33.93 -0.96
C ILE B 48 1.76 -33.74 -2.20
N ARG B 49 1.24 -34.84 -2.75
CA ARG B 49 0.33 -34.82 -3.92
C ARG B 49 -1.11 -35.26 -3.57
N GLU B 50 -1.31 -35.90 -2.43
CA GLU B 50 -2.61 -36.43 -2.03
C GLU B 50 -3.13 -35.57 -0.91
N ILE B 51 -4.16 -34.79 -1.20
CA ILE B 51 -4.58 -33.72 -0.33
C ILE B 51 -6.09 -33.69 -0.13
N LEU B 52 -6.50 -33.65 1.13
CA LEU B 52 -7.88 -33.50 1.51
C LEU B 52 -8.17 -32.04 1.87
N ILE B 53 -9.13 -31.44 1.19
CA ILE B 53 -9.56 -30.09 1.47
C ILE B 53 -10.84 -30.15 2.32
N ILE B 54 -10.76 -29.61 3.54
CA ILE B 54 -11.90 -29.59 4.44
C ILE B 54 -12.42 -28.17 4.56
N SER B 55 -13.72 -27.98 4.33
CA SER B 55 -14.34 -26.67 4.53
C SER B 55 -15.81 -26.80 4.98
N THR B 56 -16.54 -25.69 4.97
CA THR B 56 -17.92 -25.69 5.42
C THR B 56 -18.77 -26.47 4.43
N PRO B 57 -19.99 -26.86 4.84
CA PRO B 57 -20.92 -27.49 3.90
C PRO B 57 -21.24 -26.60 2.67
N GLN B 58 -21.42 -25.32 2.90
CA GLN B 58 -21.74 -24.38 1.83
C GLN B 58 -20.52 -24.10 0.93
N ASP B 59 -19.32 -24.04 1.52
CA ASP B 59 -18.10 -23.73 0.77
C ASP B 59 -17.49 -24.91 0.03
N THR B 60 -17.65 -26.12 0.56
CA THR B 60 -16.95 -27.29 0.00
C THR B 60 -17.24 -27.53 -1.47
N PRO B 61 -18.51 -27.36 -1.91
CA PRO B 61 -18.73 -27.49 -3.34
C PRO B 61 -17.98 -26.45 -4.19
N ARG B 62 -17.72 -25.28 -3.64
CA ARG B 62 -17.04 -24.24 -4.39
C ARG B 62 -15.54 -24.51 -4.55
N PHE B 63 -14.87 -24.95 -3.47
CA PHE B 63 -13.47 -25.38 -3.58
C PHE B 63 -13.40 -26.50 -4.62
N GLN B 64 -14.37 -27.40 -4.57
CA GLN B 64 -14.49 -28.53 -5.49
C GLN B 64 -14.59 -28.03 -6.92
N GLN B 65 -15.42 -27.00 -7.14
CA GLN B 65 -15.53 -26.42 -8.48
C GLN B 65 -14.21 -25.81 -8.93
N LEU B 66 -13.57 -25.04 -8.05
CA LEU B 66 -12.33 -24.33 -8.40
C LEU B 66 -11.18 -25.29 -8.72
N LEU B 67 -11.07 -26.37 -7.95
CA LEU B 67 -9.87 -27.22 -7.95
C LEU B 67 -10.04 -28.61 -8.58
N GLY B 68 -11.25 -29.16 -8.58
CA GLY B 68 -11.52 -30.49 -9.19
C GLY B 68 -10.84 -31.67 -8.50
N ASP B 69 -10.44 -32.69 -9.26
CA ASP B 69 -9.79 -33.84 -8.64
C ASP B 69 -8.27 -33.64 -8.54
N GLY B 70 -7.79 -32.52 -9.10
CA GLY B 70 -6.40 -32.14 -9.00
C GLY B 70 -5.52 -32.78 -10.06
N SER B 71 -6.11 -33.69 -10.84
CA SER B 71 -5.36 -34.48 -11.81
C SER B 71 -4.78 -33.59 -12.91
N ASN B 72 -5.38 -32.44 -13.17
CA ASN B 72 -4.79 -31.47 -14.11
C ASN B 72 -3.43 -30.95 -13.63
N TRP B 73 -3.18 -30.97 -12.33
CA TRP B 73 -1.90 -30.48 -11.80
C TRP B 73 -1.05 -31.60 -11.25
N GLY B 74 -1.31 -32.84 -11.67
CA GLY B 74 -0.61 -34.01 -11.12
C GLY B 74 -0.93 -34.36 -9.67
N LEU B 75 -2.01 -33.80 -9.13
CA LEU B 75 -2.38 -34.04 -7.74
C LEU B 75 -3.57 -35.00 -7.63
N ASP B 76 -3.84 -35.48 -6.42
CA ASP B 76 -4.98 -36.31 -6.13
C ASP B 76 -5.71 -35.60 -5.02
N LEU B 77 -6.78 -34.88 -5.37
CA LEU B 77 -7.53 -34.08 -4.39
C LEU B 77 -8.87 -34.70 -4.02
N GLN B 78 -9.16 -34.75 -2.71
CA GLN B 78 -10.48 -35.17 -2.21
C GLN B 78 -11.04 -34.11 -1.24
N TYR B 79 -12.34 -34.21 -0.95
CA TYR B 79 -13.07 -33.20 -0.19
C TYR B 79 -13.89 -33.81 0.91
N ALA B 80 -14.02 -33.07 2.00
CA ALA B 80 -14.80 -33.49 3.14
C ALA B 80 -15.29 -32.20 3.79
N VAL B 81 -16.36 -32.30 4.57
CA VAL B 81 -16.99 -31.13 5.20
C VAL B 81 -16.77 -31.12 6.72
N GLN B 82 -16.57 -29.93 7.28
CA GLN B 82 -16.63 -29.68 8.72
C GLN B 82 -17.97 -28.95 9.03
N PRO B 83 -18.99 -29.70 9.52
CA PRO B 83 -20.34 -29.11 9.72
C PRO B 83 -20.43 -28.00 10.77
N SER B 84 -19.51 -27.96 11.73
CA SER B 84 -19.45 -26.87 12.71
C SER B 84 -17.99 -26.55 13.03
N PRO B 85 -17.65 -25.27 13.26
CA PRO B 85 -16.26 -24.93 13.51
C PRO B 85 -15.78 -25.35 14.91
N ASP B 86 -15.64 -26.66 15.11
CA ASP B 86 -15.40 -27.21 16.45
C ASP B 86 -13.92 -27.33 16.85
N GLY B 87 -13.02 -26.75 16.04
CA GLY B 87 -11.59 -26.72 16.33
C GLY B 87 -10.73 -27.33 15.23
N LEU B 88 -9.48 -26.86 15.14
CA LEU B 88 -8.55 -27.27 14.08
C LEU B 88 -8.21 -28.77 14.16
N ALA B 89 -8.08 -29.28 15.39
CA ALA B 89 -7.75 -30.68 15.62
C ALA B 89 -8.84 -31.64 15.13
N GLN B 90 -10.03 -31.12 14.80
CA GLN B 90 -11.08 -31.96 14.21
C GLN B 90 -10.75 -32.43 12.81
N ALA B 91 -9.81 -31.77 12.13
CA ALA B 91 -9.37 -32.23 10.81
C ALA B 91 -8.95 -33.71 10.80
N PHE B 92 -8.33 -34.17 11.87
CA PHE B 92 -7.84 -35.55 11.92
C PHE B 92 -8.94 -36.60 12.12
N LEU B 93 -9.99 -36.22 12.86
CA LEU B 93 -11.17 -37.08 13.01
C LEU B 93 -11.91 -37.14 11.68
N ILE B 94 -12.18 -35.98 11.08
CA ILE B 94 -12.86 -35.91 9.79
C ILE B 94 -12.03 -36.60 8.71
N GLY B 95 -10.71 -36.47 8.83
CA GLY B 95 -9.78 -37.05 7.86
C GLY B 95 -9.25 -38.43 8.20
N GLU B 96 -9.70 -39.02 9.30
CA GLU B 96 -9.21 -40.32 9.76
C GLU B 96 -9.02 -41.36 8.66
N SER B 97 -10.01 -41.51 7.81
CA SER B 97 -9.99 -42.60 6.84
C SER B 97 -9.23 -42.19 5.59
N PHE B 98 -9.16 -40.89 5.35
CA PHE B 98 -8.31 -40.36 4.29
C PHE B 98 -6.84 -40.62 4.63
N ILE B 99 -6.48 -40.41 5.89
CA ILE B 99 -5.11 -40.60 6.34
C ILE B 99 -4.69 -42.09 6.30
N GLY B 100 -5.54 -42.95 6.87
CA GLY B 100 -5.22 -44.37 7.02
C GLY B 100 -4.00 -44.57 7.90
N ASN B 101 -3.01 -45.27 7.36
CA ASN B 101 -1.80 -45.56 8.13
C ASN B 101 -0.62 -44.66 7.74
N ASP B 102 -0.87 -43.63 6.94
CA ASP B 102 0.24 -42.81 6.43
C ASP B 102 0.58 -41.71 7.38
N LEU B 103 1.79 -41.20 7.19
CA LEU B 103 2.19 -39.94 7.79
C LEU B 103 1.34 -38.81 7.17
N SER B 104 1.22 -37.69 7.86
CA SER B 104 0.35 -36.64 7.37
C SER B 104 0.88 -35.24 7.65
N ALA B 105 0.27 -34.25 7.00
CA ALA B 105 0.55 -32.85 7.25
C ALA B 105 -0.74 -32.07 7.17
N LEU B 106 -0.86 -31.02 7.98
CA LEU B 106 -2.01 -30.13 7.99
C LEU B 106 -1.53 -28.70 7.80
N VAL B 107 -2.09 -28.02 6.80
CA VAL B 107 -1.85 -26.60 6.60
C VAL B 107 -3.18 -25.85 6.68
N LEU B 108 -3.17 -24.68 7.32
CA LEU B 108 -4.34 -23.79 7.35
C LEU B 108 -4.54 -23.09 6.00
N GLY B 109 -5.79 -23.08 5.54
CA GLY B 109 -6.11 -22.53 4.19
C GLY B 109 -5.91 -21.04 3.97
N ASP B 110 -5.60 -20.30 5.03
CA ASP B 110 -5.32 -18.88 4.92
C ASP B 110 -3.89 -18.52 5.36
N ASN B 111 -3.00 -19.52 5.42
CA ASN B 111 -1.60 -19.25 5.75
C ASN B 111 -0.76 -19.11 4.49
N LEU B 112 0.01 -18.03 4.39
CA LEU B 112 0.85 -17.76 3.24
C LEU B 112 2.30 -17.68 3.70
N TYR B 113 3.19 -18.33 2.95
CA TYR B 113 4.60 -18.39 3.27
C TYR B 113 5.44 -17.99 2.06
N TYR B 114 6.54 -17.30 2.30
CA TYR B 114 7.46 -16.93 1.23
C TYR B 114 8.87 -16.88 1.76
N GLY B 115 9.82 -17.30 0.93
CA GLY B 115 11.25 -17.22 1.27
C GLY B 115 12.13 -18.27 0.65
N HIS B 116 13.43 -18.08 0.84
CA HIS B 116 14.45 -18.87 0.12
C HIS B 116 14.68 -20.17 0.84
N ASP B 117 14.81 -21.23 0.05
CA ASP B 117 15.16 -22.58 0.52
C ASP B 117 13.98 -23.25 1.19
N PHE B 118 12.78 -22.79 0.83
CA PHE B 118 11.56 -23.19 1.52
C PHE B 118 11.35 -24.68 1.27
N HIS B 119 11.79 -25.16 0.12
CA HIS B 119 11.77 -26.59 -0.18
C HIS B 119 12.53 -27.38 0.84
N GLU B 120 13.68 -26.86 1.22
CA GLU B 120 14.55 -27.56 2.16
C GLU B 120 14.07 -27.47 3.60
N LEU B 121 13.49 -26.33 3.97
CA LEU B 121 12.92 -26.18 5.30
C LEU B 121 11.76 -27.16 5.49
N LEU B 122 10.97 -27.35 4.43
CA LEU B 122 9.87 -28.31 4.47
C LEU B 122 10.36 -29.76 4.39
N GLY B 123 11.43 -29.97 3.61
CA GLY B 123 11.96 -31.31 3.38
C GLY B 123 12.39 -32.02 4.64
N SER B 124 13.09 -31.30 5.51
CA SER B 124 13.53 -31.83 6.77
C SER B 124 12.33 -32.33 7.58
N ALA B 125 11.31 -31.50 7.74
CA ALA B 125 10.12 -31.93 8.49
C ALA B 125 9.40 -33.08 7.78
N SER B 126 9.25 -32.96 6.47
CA SER B 126 8.46 -33.94 5.74
C SER B 126 9.13 -35.30 5.63
N GLN B 127 10.47 -35.33 5.59
CA GLN B 127 11.23 -36.59 5.54
C GLN B 127 11.30 -37.34 6.87
N ARG B 128 11.18 -36.63 7.99
CA ARG B 128 11.02 -37.28 9.30
C ARG B 128 9.96 -38.38 9.23
N GLN B 129 10.23 -39.51 9.86
CA GLN B 129 9.29 -40.63 9.82
C GLN B 129 8.78 -40.88 11.22
N THR B 130 9.00 -39.93 12.13
CA THR B 130 8.53 -40.08 13.47
C THR B 130 8.18 -38.75 14.10
N GLY B 131 7.30 -38.80 15.09
CA GLY B 131 6.96 -37.64 15.89
C GLY B 131 6.19 -36.58 15.14
N ALA B 132 6.27 -35.35 15.61
CA ALA B 132 5.59 -34.24 14.96
C ALA B 132 6.58 -33.13 14.76
N SER B 133 6.34 -32.36 13.69
CA SER B 133 7.16 -31.17 13.42
C SER B 133 6.28 -29.91 13.21
N VAL B 134 6.69 -28.82 13.85
CA VAL B 134 6.09 -27.52 13.67
C VAL B 134 7.19 -26.45 13.55
N PHE B 135 6.77 -25.27 13.11
CA PHE B 135 7.68 -24.18 12.88
C PHE B 135 7.30 -23.02 13.79
N ALA B 136 8.31 -22.38 14.35
CA ALA B 136 8.10 -21.28 15.24
C ALA B 136 8.65 -20.04 14.56
N TYR B 137 7.88 -18.95 14.61
CA TYR B 137 8.19 -17.69 13.94
C TYR B 137 8.05 -16.53 14.93
N HIS B 138 9.05 -15.69 15.00
CA HIS B 138 9.00 -14.49 15.82
C HIS B 138 7.96 -13.48 15.34
N VAL B 139 6.98 -13.17 16.18
CA VAL B 139 5.95 -12.16 15.84
C VAL B 139 5.80 -11.09 16.91
N LEU B 140 5.18 -9.98 16.50
CA LEU B 140 4.86 -8.85 17.37
C LEU B 140 3.76 -9.21 18.36
N ASP B 141 2.83 -10.06 17.95
CA ASP B 141 1.58 -10.29 18.71
C ASP B 141 1.35 -11.76 19.05
N PRO B 142 2.26 -12.37 19.84
CA PRO B 142 2.16 -13.81 20.13
C PRO B 142 0.86 -14.29 20.79
N GLU B 143 0.19 -13.39 21.53
CA GLU B 143 -1.11 -13.65 22.18
C GLU B 143 -2.16 -14.17 21.22
N ARG B 144 -2.04 -13.84 19.94
CA ARG B 144 -3.00 -14.30 18.95
C ARG B 144 -2.83 -15.76 18.54
N TYR B 145 -1.76 -16.42 19.01
CA TYR B 145 -1.32 -17.68 18.43
C TYR B 145 -0.95 -18.73 19.47
N GLY B 146 -0.63 -19.93 19.02
CA GLY B 146 0.08 -20.89 19.86
C GLY B 146 1.46 -20.31 20.09
N VAL B 147 1.92 -20.30 21.32
CA VAL B 147 3.21 -19.71 21.68
C VAL B 147 4.14 -20.79 22.23
N VAL B 148 5.35 -20.90 21.68
CA VAL B 148 6.29 -21.89 22.14
C VAL B 148 7.32 -21.18 23.01
N GLU B 149 7.59 -21.75 24.18
CA GLU B 149 8.63 -21.27 25.07
C GLU B 149 9.84 -22.17 24.93
N PHE B 150 11.02 -21.56 24.94
CA PHE B 150 12.26 -22.30 24.90
C PHE B 150 13.06 -22.05 26.17
N ASP B 151 13.77 -23.09 26.64
CA ASP B 151 14.77 -22.93 27.71
C ASP B 151 16.04 -22.26 27.15
N GLN B 152 17.04 -22.07 28.01
CA GLN B 152 18.29 -21.42 27.58
C GLN B 152 19.11 -22.26 26.60
N GLY B 153 18.90 -23.57 26.56
CA GLY B 153 19.51 -24.41 25.53
C GLY B 153 18.72 -24.42 24.21
N GLY B 154 17.67 -23.60 24.13
CA GLY B 154 16.80 -23.57 22.95
C GLY B 154 15.91 -24.80 22.78
N LYS B 155 15.62 -25.51 23.85
CA LYS B 155 14.76 -26.68 23.78
C LYS B 155 13.35 -26.19 24.09
N ALA B 156 12.34 -26.65 23.33
CA ALA B 156 10.95 -26.30 23.60
C ALA B 156 10.53 -26.90 24.93
N ILE B 157 10.03 -26.09 25.85
CA ILE B 157 9.61 -26.57 27.17
C ILE B 157 8.12 -26.37 27.47
N SER B 158 7.48 -25.38 26.82
CA SER B 158 6.01 -25.28 26.91
C SER B 158 5.35 -24.67 25.66
N LEU B 159 4.08 -25.02 25.51
CA LEU B 159 3.17 -24.47 24.52
C LEU B 159 1.90 -23.99 25.21
N GLU B 160 1.40 -22.82 24.78
CA GLU B 160 0.11 -22.32 25.24
C GLU B 160 -0.66 -21.67 24.11
N GLU B 161 -1.97 -21.92 24.07
CA GLU B 161 -2.85 -21.34 23.09
C GLU B 161 -3.29 -19.97 23.57
N LYS B 162 -3.00 -18.95 22.75
CA LYS B 162 -3.42 -17.57 23.04
C LYS B 162 -3.22 -17.17 24.50
N PRO B 163 -2.00 -17.35 25.04
CA PRO B 163 -1.77 -16.94 26.43
C PRO B 163 -1.98 -15.45 26.58
N LEU B 164 -2.57 -15.05 27.71
CA LEU B 164 -2.77 -13.63 28.01
C LEU B 164 -1.43 -12.97 28.26
N GLU B 165 -0.50 -13.72 28.85
CA GLU B 165 0.88 -13.26 29.10
C GLU B 165 1.90 -14.21 28.44
N PRO B 166 2.17 -14.02 27.14
CA PRO B 166 2.97 -15.02 26.40
C PRO B 166 4.39 -15.19 26.89
N LYS B 167 4.86 -16.43 26.95
CA LYS B 167 6.20 -16.70 27.48
C LYS B 167 7.33 -16.33 26.50
N SER B 168 6.99 -16.16 25.23
CA SER B 168 7.97 -15.72 24.23
C SER B 168 7.25 -14.97 23.12
N ASN B 169 8.02 -14.47 22.16
CA ASN B 169 7.45 -13.92 20.93
C ASN B 169 7.37 -14.91 19.77
N TYR B 170 7.53 -16.21 20.06
CA TYR B 170 7.52 -17.25 19.03
C TYR B 170 6.18 -17.91 18.87
N ALA B 171 5.52 -17.61 17.74
CA ALA B 171 4.26 -18.23 17.37
C ALA B 171 4.49 -19.51 16.58
N VAL B 172 3.60 -20.48 16.75
CA VAL B 172 3.63 -21.73 16.01
C VAL B 172 2.80 -21.50 14.76
N THR B 173 3.38 -21.69 13.58
CA THR B 173 2.70 -21.33 12.32
C THR B 173 1.65 -22.37 11.99
N GLY B 174 0.82 -22.07 10.99
CA GLY B 174 -0.27 -22.96 10.61
C GLY B 174 0.07 -24.10 9.67
N LEU B 175 1.25 -24.70 9.88
CA LEU B 175 1.74 -25.84 9.10
C LEU B 175 2.28 -26.89 10.07
N TYR B 176 1.72 -28.09 10.04
CA TYR B 176 2.03 -29.13 11.02
C TYR B 176 2.27 -30.47 10.31
N PHE B 177 3.32 -31.18 10.69
CA PHE B 177 3.61 -32.53 10.16
C PHE B 177 3.52 -33.60 11.24
N TYR B 178 2.85 -34.72 10.95
CA TYR B 178 2.51 -35.73 11.97
C TYR B 178 2.81 -37.15 11.54
N ASP B 179 3.29 -37.94 12.49
CA ASP B 179 3.39 -39.38 12.30
C ASP B 179 2.02 -40.04 12.53
N GLN B 180 1.98 -41.35 12.67
CA GLN B 180 0.72 -42.09 12.82
C GLN B 180 0.08 -41.97 14.21
N GLN B 181 0.67 -41.20 15.13
CA GLN B 181 0.05 -41.08 16.46
C GLN B 181 -1.12 -40.08 16.48
N VAL B 182 -1.14 -39.14 15.52
CA VAL B 182 -2.02 -37.96 15.62
C VAL B 182 -3.53 -38.24 15.72
N VAL B 183 -4.06 -39.13 14.90
CA VAL B 183 -5.50 -39.42 14.94
C VAL B 183 -5.95 -39.91 16.32
N ASP B 184 -5.18 -40.79 16.96
CA ASP B 184 -5.56 -41.32 18.28
C ASP B 184 -5.40 -40.28 19.37
N ILE B 185 -4.44 -39.36 19.21
CA ILE B 185 -4.32 -38.25 20.12
C ILE B 185 -5.53 -37.31 19.96
N ALA B 186 -5.90 -37.02 18.71
CA ALA B 186 -7.08 -36.17 18.44
C ALA B 186 -8.36 -36.76 19.06
N ARG B 187 -8.61 -38.04 18.80
CA ARG B 187 -9.76 -38.77 19.36
C ARG B 187 -9.95 -38.58 20.87
N ASP B 188 -8.87 -38.61 21.65
CA ASP B 188 -8.97 -38.45 23.11
C ASP B 188 -9.02 -37.02 23.63
N LEU B 189 -8.96 -36.03 22.74
CA LEU B 189 -9.01 -34.61 23.17
C LEU B 189 -10.39 -34.25 23.73
N LYS B 190 -10.40 -33.41 24.78
CA LYS B 190 -11.63 -32.80 25.28
C LYS B 190 -11.68 -31.33 24.83
N PRO B 191 -12.87 -30.82 24.49
CA PRO B 191 -12.99 -29.40 24.17
C PRO B 191 -12.36 -28.46 25.21
N SER B 192 -11.72 -27.40 24.71
CA SER B 192 -11.13 -26.37 25.56
C SER B 192 -12.23 -25.49 26.19
N PRO B 193 -11.85 -24.57 27.10
CA PRO B 193 -12.76 -23.55 27.62
C PRO B 193 -13.66 -22.90 26.57
N ARG B 194 -13.10 -22.52 25.43
CA ARG B 194 -13.88 -21.93 24.34
C ARG B 194 -14.62 -22.98 23.50
N GLY B 195 -14.49 -24.25 23.87
CA GLY B 195 -15.20 -25.33 23.19
C GLY B 195 -14.63 -25.66 21.83
N GLU B 196 -13.31 -25.82 21.77
CA GLU B 196 -12.63 -26.22 20.53
C GLU B 196 -11.64 -27.36 20.79
N LEU B 197 -11.62 -28.34 19.88
CA LEU B 197 -10.52 -29.30 19.84
C LEU B 197 -9.28 -28.56 19.35
N GLU B 198 -8.28 -28.43 20.22
CA GLU B 198 -7.14 -27.55 20.00
C GLU B 198 -5.96 -28.27 19.36
N ILE B 199 -5.41 -27.70 18.29
CA ILE B 199 -4.19 -28.23 17.70
C ILE B 199 -3.04 -28.05 18.67
N THR B 200 -3.04 -26.98 19.45
CA THR B 200 -2.04 -26.85 20.50
C THR B 200 -2.08 -27.99 21.52
N ASP B 201 -3.26 -28.57 21.78
CA ASP B 201 -3.33 -29.76 22.64
C ASP B 201 -2.68 -30.98 21.95
N VAL B 202 -2.91 -31.13 20.64
CA VAL B 202 -2.26 -32.19 19.88
C VAL B 202 -0.72 -32.07 19.97
N ASN B 203 -0.21 -30.85 19.82
CA ASN B 203 1.21 -30.59 19.85
C ASN B 203 1.84 -30.73 21.23
N ARG B 204 1.10 -30.37 22.27
CA ARG B 204 1.53 -30.61 23.65
C ARG B 204 1.64 -32.10 23.97
N ALA B 205 0.76 -32.92 23.40
CA ALA B 205 0.81 -34.37 23.62
C ALA B 205 2.12 -34.97 23.07
N TYR B 206 2.56 -34.51 21.91
CA TYR B 206 3.87 -34.92 21.36
C TYR B 206 5.04 -34.39 22.19
N LEU B 207 4.93 -33.13 22.62
CA LEU B 207 5.98 -32.51 23.42
C LEU B 207 6.20 -33.27 24.74
N GLU B 208 5.11 -33.60 25.41
CA GLU B 208 5.15 -34.39 26.65
C GLU B 208 5.80 -35.77 26.45
N ARG B 209 5.61 -36.39 25.29
CA ARG B 209 6.32 -37.63 24.94
C ARG B 209 7.75 -37.39 24.47
N GLY B 210 8.19 -36.14 24.41
CA GLY B 210 9.52 -35.82 23.90
C GLY B 210 9.67 -36.05 22.40
N GLN B 211 8.54 -36.03 21.66
CA GLN B 211 8.50 -36.36 20.23
C GLN B 211 8.06 -35.19 19.32
N LEU B 212 8.14 -33.97 19.84
CA LEU B 212 7.83 -32.77 19.08
C LEU B 212 9.12 -32.12 18.60
N SER B 213 9.28 -32.00 17.28
CA SER B 213 10.40 -31.21 16.72
C SER B 213 9.97 -29.77 16.34
N VAL B 214 10.57 -28.77 16.97
CA VAL B 214 10.25 -27.37 16.69
C VAL B 214 11.42 -26.73 15.99
N GLU B 215 11.26 -26.42 14.72
CA GLU B 215 12.27 -25.71 13.96
C GLU B 215 11.88 -24.22 13.82
N ILE B 216 12.89 -23.36 13.81
CA ILE B 216 12.70 -21.94 13.64
C ILE B 216 12.44 -21.65 12.16
N MET B 217 11.34 -20.96 11.87
CA MET B 217 11.21 -20.34 10.57
C MET B 217 11.82 -18.96 10.73
N GLY B 218 12.98 -18.76 10.10
CA GLY B 218 13.78 -17.55 10.32
C GLY B 218 13.08 -16.29 9.85
N ARG B 219 13.63 -15.17 10.27
CA ARG B 219 13.08 -13.83 9.98
C ARG B 219 13.23 -13.45 8.49
N GLY B 220 14.12 -14.13 7.80
CA GLY B 220 14.24 -14.04 6.35
C GLY B 220 13.13 -14.71 5.54
N TYR B 221 12.20 -15.37 6.23
CA TYR B 221 10.97 -15.83 5.62
C TYR B 221 9.82 -14.90 5.97
N ALA B 222 8.79 -14.91 5.14
CA ALA B 222 7.61 -14.13 5.37
C ALA B 222 6.46 -15.08 5.64
N TRP B 223 5.97 -15.07 6.87
CA TRP B 223 4.75 -15.76 7.21
C TRP B 223 3.76 -14.65 7.39
N LEU B 224 2.88 -14.50 6.41
CA LEU B 224 1.80 -13.52 6.50
C LEU B 224 0.56 -14.31 6.92
N ASP B 225 -0.31 -13.71 7.70
CA ASP B 225 -1.67 -14.25 7.67
C ASP B 225 -2.68 -13.17 7.40
N THR B 226 -3.87 -13.67 7.16
CA THR B 226 -4.91 -12.94 6.52
C THR B 226 -6.08 -12.90 7.51
N GLY B 227 -5.77 -12.50 8.75
CA GLY B 227 -6.77 -12.55 9.84
C GLY B 227 -7.69 -11.35 9.89
N THR B 228 -7.21 -10.21 9.43
CA THR B 228 -7.98 -8.98 9.41
C THR B 228 -8.01 -8.38 7.98
N HIS B 229 -9.01 -7.55 7.72
CA HIS B 229 -9.06 -6.80 6.46
C HIS B 229 -7.77 -6.05 6.20
N ASP B 230 -7.18 -5.46 7.25
CA ASP B 230 -5.89 -4.77 7.10
C ASP B 230 -4.76 -5.70 6.64
N SER B 231 -4.61 -6.86 7.27
CA SER B 231 -3.50 -7.76 6.96
C SER B 231 -3.67 -8.42 5.59
N LEU B 232 -4.91 -8.69 5.21
CA LEU B 232 -5.25 -9.21 3.88
C LEU B 232 -4.71 -8.27 2.80
N LEU B 233 -4.93 -6.99 3.00
CA LEU B 233 -4.43 -5.93 2.14
C LEU B 233 -2.88 -5.88 2.09
N GLU B 234 -2.24 -6.05 3.24
CA GLU B 234 -0.77 -6.05 3.29
C GLU B 234 -0.24 -7.27 2.57
N ALA B 235 -0.91 -8.40 2.74
CA ALA B 235 -0.52 -9.60 2.05
C ALA B 235 -0.59 -9.38 0.54
N GLY B 236 -1.71 -8.85 0.06
CA GLY B 236 -1.87 -8.46 -1.35
C GLY B 236 -0.77 -7.57 -1.89
N GLN B 237 -0.36 -6.55 -1.12
CA GLN B 237 0.65 -5.58 -1.52
C GLN B 237 2.05 -6.24 -1.55
N PHE B 238 2.25 -7.20 -0.66
CA PHE B 238 3.53 -7.89 -0.49
C PHE B 238 3.80 -8.83 -1.67
N ILE B 239 2.80 -9.62 -2.02
CA ILE B 239 2.85 -10.48 -3.19
C ILE B 239 3.02 -9.66 -4.48
N ALA B 240 2.25 -8.58 -4.62
CA ALA B 240 2.29 -7.78 -5.83
C ALA B 240 3.66 -7.16 -6.04
N THR B 241 4.29 -6.72 -4.97
CA THR B 241 5.54 -6.03 -5.07
C THR B 241 6.61 -7.02 -5.56
N LEU B 242 6.60 -8.24 -5.02
CA LEU B 242 7.55 -9.26 -5.41
C LEU B 242 7.34 -9.63 -6.87
N GLU B 243 6.10 -9.93 -7.23
CA GLU B 243 5.78 -10.41 -8.59
C GLU B 243 6.06 -9.38 -9.69
N ASN B 244 5.79 -8.11 -9.40
CA ASN B 244 6.02 -7.05 -10.36
C ASN B 244 7.53 -6.72 -10.45
N ARG B 245 8.25 -6.94 -9.36
CA ARG B 245 9.68 -6.74 -9.38
C ARG B 245 10.38 -7.84 -10.22
N GLN B 246 9.98 -9.09 -9.99
CA GLN B 246 10.68 -10.28 -10.48
C GLN B 246 10.18 -10.80 -11.81
N GLY B 247 8.89 -10.59 -12.10
CA GLY B 247 8.26 -11.23 -13.25
C GLY B 247 8.06 -12.71 -12.98
N LEU B 248 8.10 -13.08 -11.71
CA LEU B 248 7.85 -14.45 -11.33
C LEU B 248 6.74 -14.43 -10.29
N LYS B 249 5.92 -15.47 -10.28
CA LYS B 249 4.78 -15.57 -9.38
C LYS B 249 5.08 -16.40 -8.15
N VAL B 250 4.48 -16.01 -7.04
CA VAL B 250 4.58 -16.74 -5.78
C VAL B 250 3.37 -17.70 -5.69
N ALA B 251 3.61 -18.96 -5.33
CA ALA B 251 2.57 -19.95 -5.09
C ALA B 251 1.67 -20.21 -6.29
N CYS B 252 2.27 -20.30 -7.47
CA CYS B 252 1.56 -20.70 -8.68
C CYS B 252 1.56 -22.23 -8.79
N PRO B 253 0.45 -22.88 -8.40
CA PRO B 253 0.49 -24.34 -8.32
C PRO B 253 0.89 -25.01 -9.63
N GLU B 254 0.46 -24.45 -10.76
CA GLU B 254 0.82 -24.99 -12.08
C GLU B 254 2.34 -24.96 -12.28
N GLU B 255 2.96 -23.86 -11.88
CA GLU B 255 4.42 -23.75 -11.94
C GLU B 255 5.07 -24.80 -11.05
N ILE B 256 4.55 -24.96 -9.83
CA ILE B 256 5.17 -25.89 -8.89
C ILE B 256 5.04 -27.34 -9.38
N ALA B 257 3.89 -27.67 -9.96
CA ALA B 257 3.65 -28.99 -10.51
C ALA B 257 4.63 -29.27 -11.66
N TYR B 258 4.81 -28.29 -12.54
CA TYR B 258 5.72 -28.44 -13.65
C TYR B 258 7.14 -28.69 -13.13
N ARG B 259 7.59 -27.82 -12.23
CA ARG B 259 8.95 -27.87 -11.72
C ARG B 259 9.21 -29.09 -10.87
N GLN B 260 8.13 -29.69 -10.33
CA GLN B 260 8.22 -30.94 -9.58
C GLN B 260 8.22 -32.18 -10.51
N LYS B 261 8.03 -31.96 -11.81
CA LYS B 261 7.94 -33.03 -12.82
C LYS B 261 6.64 -33.84 -12.68
N TRP B 262 5.60 -33.23 -12.12
CA TRP B 262 4.32 -33.90 -11.92
C TRP B 262 3.43 -33.76 -13.12
N ILE B 263 3.61 -32.67 -13.87
CA ILE B 263 3.01 -32.50 -15.18
C ILE B 263 4.14 -32.17 -16.15
N ASP B 264 3.92 -32.40 -17.44
CA ASP B 264 4.95 -32.10 -18.45
C ASP B 264 4.58 -30.86 -19.25
N ALA B 265 5.48 -30.45 -20.13
CA ALA B 265 5.33 -29.23 -20.92
C ALA B 265 4.09 -29.23 -21.81
N ALA B 266 3.66 -30.39 -22.28
CA ALA B 266 2.44 -30.47 -23.09
C ALA B 266 1.22 -30.16 -22.22
N GLN B 267 1.19 -30.81 -21.07
CA GLN B 267 0.16 -30.60 -20.08
C GLN B 267 0.06 -29.12 -19.64
N LEU B 268 1.21 -28.51 -19.37
CA LEU B 268 1.26 -27.10 -18.94
C LEU B 268 0.71 -26.21 -20.03
N GLU B 269 1.16 -26.44 -21.25
CA GLU B 269 0.68 -25.67 -22.40
C GLU B 269 -0.84 -25.68 -22.49
N LYS B 270 -1.45 -26.84 -22.27
CA LYS B 270 -2.90 -26.96 -22.35
C LYS B 270 -3.60 -26.25 -21.18
N LEU B 271 -2.96 -26.21 -20.01
CA LEU B 271 -3.46 -25.39 -18.90
C LEU B 271 -3.39 -23.88 -19.18
N ALA B 272 -2.40 -23.46 -19.99
CA ALA B 272 -2.26 -22.06 -20.39
C ALA B 272 -3.36 -21.63 -21.38
N ALA B 273 -3.76 -22.53 -22.26
CA ALA B 273 -4.72 -22.23 -23.35
C ALA B 273 -5.93 -21.41 -22.92
N PRO B 274 -6.74 -21.94 -21.96
CA PRO B 274 -7.96 -21.25 -21.52
C PRO B 274 -7.73 -19.91 -20.82
N LEU B 275 -6.52 -19.67 -20.32
CA LEU B 275 -6.17 -18.44 -19.64
C LEU B 275 -5.31 -17.53 -20.51
N ALA B 276 -5.17 -17.90 -21.79
CA ALA B 276 -4.17 -17.29 -22.68
C ALA B 276 -4.36 -15.80 -22.96
N LYS B 277 -5.54 -15.27 -22.63
CA LYS B 277 -5.86 -13.88 -22.88
C LYS B 277 -5.48 -12.96 -21.71
N ASN B 278 -5.09 -13.55 -20.57
CA ASN B 278 -4.66 -12.77 -19.40
C ASN B 278 -3.22 -13.06 -18.97
N GLY B 279 -2.74 -12.30 -17.97
CA GLY B 279 -1.36 -12.40 -17.48
C GLY B 279 -0.95 -13.74 -16.91
N TYR B 280 -1.93 -14.46 -16.37
CA TYR B 280 -1.69 -15.77 -15.73
C TYR B 280 -1.37 -16.83 -16.78
N GLY B 281 -2.23 -16.99 -17.78
CA GLY B 281 -1.96 -17.94 -18.87
C GLY B 281 -0.69 -17.59 -19.63
N GLN B 282 -0.49 -16.30 -19.90
CA GLN B 282 0.73 -15.85 -20.54
C GLN B 282 1.95 -16.22 -19.70
N TYR B 283 1.78 -16.15 -18.38
CA TYR B 283 2.85 -16.50 -17.48
C TYR B 283 3.19 -17.97 -17.60
N LEU B 284 2.18 -18.81 -17.70
CA LEU B 284 2.43 -20.23 -17.82
C LEU B 284 3.11 -20.58 -19.12
N LYS B 285 2.77 -19.86 -20.19
CA LYS B 285 3.32 -20.13 -21.52
C LYS B 285 4.78 -19.69 -21.59
N ARG B 286 5.11 -18.61 -20.89
CA ARG B 286 6.48 -18.17 -20.75
C ARG B 286 7.33 -19.24 -20.06
N LEU B 287 6.80 -19.89 -19.02
CA LEU B 287 7.54 -20.97 -18.31
C LEU B 287 8.03 -22.11 -19.21
N LEU B 288 7.29 -22.42 -20.29
CA LEU B 288 7.69 -23.46 -21.24
C LEU B 288 9.07 -23.21 -21.88
N THR B 289 9.35 -21.94 -22.16
CA THR B 289 10.52 -21.55 -22.95
C THR B 289 11.66 -20.94 -22.14
N GLU B 290 11.38 -20.45 -20.94
CA GLU B 290 12.40 -19.76 -20.15
C GLU B 290 12.99 -20.66 -19.08
N THR B 291 14.32 -20.64 -18.95
CA THR B 291 14.95 -21.31 -17.82
C THR B 291 14.99 -20.34 -16.64
N VAL B 292 14.46 -20.80 -15.50
CA VAL B 292 14.35 -19.99 -14.29
C VAL B 292 15.05 -20.73 -13.18
N TYR B 293 16.08 -20.11 -12.64
CA TYR B 293 16.94 -20.77 -11.66
C TYR B 293 16.44 -20.54 -10.24
N MET C 1 -10.25 43.45 3.17
CA MET C 1 -9.03 43.42 4.01
C MET C 1 -7.96 42.50 3.41
N LYS C 2 -6.78 42.49 4.02
CA LYS C 2 -5.65 41.66 3.57
C LYS C 2 -5.48 40.49 4.55
N ARG C 3 -5.27 39.30 4.01
CA ARG C 3 -4.93 38.14 4.85
C ARG C 3 -3.58 37.55 4.45
N LYS C 4 -2.69 37.42 5.42
CA LYS C 4 -1.36 36.90 5.20
C LYS C 4 -1.26 35.51 5.78
N GLY C 5 -0.33 34.71 5.26
CA GLY C 5 -0.20 33.30 5.64
C GLY C 5 1.01 33.04 6.49
N ILE C 6 0.91 32.05 7.35
CA ILE C 6 2.02 31.55 8.08
C ILE C 6 2.00 30.03 7.97
N ILE C 7 3.13 29.44 7.60
CA ILE C 7 3.35 27.98 7.73
C ILE C 7 4.34 27.67 8.84
N LEU C 8 3.91 26.93 9.85
CA LEU C 8 4.78 26.47 10.91
C LEU C 8 5.29 25.07 10.66
N ALA C 9 6.59 24.97 10.39
CA ALA C 9 7.26 23.71 10.19
C ALA C 9 8.14 23.51 11.37
N GLY C 10 7.54 23.27 12.53
CA GLY C 10 8.30 23.07 13.76
C GLY C 10 9.11 21.80 13.71
N GLY C 11 9.96 21.60 14.71
CA GLY C 11 10.76 20.38 14.78
C GLY C 11 9.92 19.21 15.27
N SER C 12 10.16 18.03 14.70
CA SER C 12 9.59 16.79 15.23
C SER C 12 10.41 16.29 16.42
N GLY C 13 11.47 17.03 16.78
CA GLY C 13 12.39 16.62 17.82
C GLY C 13 13.20 15.43 17.36
N THR C 14 13.39 14.46 18.26
CA THR C 14 14.05 13.20 17.93
C THR C 14 13.05 12.04 17.86
N ARG C 15 11.76 12.34 17.70
CA ARG C 15 10.69 11.33 17.68
C ARG C 15 10.84 10.33 16.53
N LEU C 16 11.22 10.83 15.36
CA LEU C 16 11.31 10.02 14.13
C LEU C 16 12.76 9.72 13.75
N HIS C 17 13.67 9.85 14.71
CA HIS C 17 15.03 9.41 14.48
C HIS C 17 15.06 7.89 14.49
N PRO C 18 16.01 7.28 13.75
CA PRO C 18 17.05 7.90 12.94
C PRO C 18 16.63 8.20 11.51
N ALA C 19 15.39 7.87 11.14
CA ALA C 19 14.86 8.17 9.79
C ALA C 19 15.08 9.65 9.42
N THR C 20 14.75 10.54 10.36
CA THR C 20 14.86 11.97 10.12
C THR C 20 16.20 12.62 10.61
N LEU C 21 17.20 11.81 10.95
CA LEU C 21 18.53 12.36 11.33
C LEU C 21 19.15 13.26 10.24
N ALA C 22 19.20 12.79 8.99
CA ALA C 22 19.86 13.54 7.90
C ALA C 22 18.98 14.65 7.31
N ILE C 23 17.66 14.48 7.45
CA ILE C 23 16.68 15.40 6.89
C ILE C 23 15.45 15.48 7.80
N SER C 24 15.10 16.69 8.22
CA SER C 24 13.90 16.90 9.03
C SER C 24 12.60 16.47 8.31
N LYS C 25 11.62 16.02 9.10
CA LYS C 25 10.37 15.46 8.58
C LYS C 25 9.73 16.36 7.53
N GLN C 26 9.73 17.66 7.79
CA GLN C 26 9.02 18.61 6.92
C GLN C 26 9.67 18.86 5.58
N LEU C 27 10.92 18.43 5.41
CA LEU C 27 11.58 18.46 4.08
C LEU C 27 11.46 17.11 3.34
N LEU C 28 10.84 16.11 3.94
CA LEU C 28 10.65 14.82 3.25
C LEU C 28 9.64 15.01 2.11
N PRO C 29 9.74 14.16 1.06
CA PRO C 29 8.70 14.21 0.05
C PRO C 29 7.48 13.44 0.51
N VAL C 30 6.29 13.86 0.09
CA VAL C 30 5.14 12.97 0.13
C VAL C 30 4.90 12.55 -1.32
N TYR C 31 5.32 11.32 -1.64
CA TYR C 31 5.33 10.76 -2.97
C TYR C 31 6.25 11.54 -3.92
N ASP C 32 5.70 12.46 -4.71
CA ASP C 32 6.48 13.09 -5.79
C ASP C 32 6.84 14.55 -5.55
N LYS C 33 6.50 15.10 -4.38
CA LYS C 33 6.80 16.51 -4.12
C LYS C 33 7.09 16.74 -2.65
N PRO C 34 7.85 17.80 -2.33
CA PRO C 34 8.19 18.02 -0.91
C PRO C 34 6.94 18.23 -0.05
N MET C 35 7.01 17.79 1.19
CA MET C 35 5.87 17.84 2.09
C MET C 35 5.25 19.23 2.13
N ILE C 36 6.11 20.25 2.13
CA ILE C 36 5.68 21.61 2.36
C ILE C 36 4.83 22.16 1.25
N TYR C 37 4.91 21.54 0.07
CA TYR C 37 4.07 21.97 -1.04
C TYR C 37 2.57 21.81 -0.73
N TYR C 38 2.23 20.88 0.14
CA TYR C 38 0.82 20.58 0.39
C TYR C 38 0.14 21.71 1.20
N PRO C 39 0.70 22.07 2.35
CA PRO C 39 0.22 23.25 3.11
C PRO C 39 0.40 24.59 2.40
N LEU C 40 1.52 24.73 1.69
CA LEU C 40 1.73 25.90 0.86
C LEU C 40 0.56 26.00 -0.12
N SER C 41 0.27 24.90 -0.83
CA SER C 41 -0.82 24.88 -1.81
C SER C 41 -2.19 25.25 -1.19
N THR C 42 -2.45 24.79 0.04
CA THR C 42 -3.64 25.13 0.80
C THR C 42 -3.75 26.62 1.06
N LEU C 43 -2.68 27.27 1.50
CA LEU C 43 -2.72 28.73 1.67
C LEU C 43 -2.99 29.40 0.32
N MET C 44 -2.28 28.99 -0.72
CA MET C 44 -2.48 29.55 -2.06
C MET C 44 -3.93 29.45 -2.52
N LEU C 45 -4.56 28.28 -2.28
CA LEU C 45 -5.96 28.08 -2.64
C LEU C 45 -6.89 28.99 -1.82
N ALA C 46 -6.45 29.42 -0.64
CA ALA C 46 -7.27 30.32 0.20
C ALA C 46 -7.15 31.78 -0.23
N GLY C 47 -6.36 32.03 -1.29
CA GLY C 47 -6.22 33.35 -1.84
C GLY C 47 -4.99 34.07 -1.31
N ILE C 48 -4.17 33.37 -0.53
CA ILE C 48 -3.06 33.97 0.19
C ILE C 48 -1.73 33.88 -0.58
N ARG C 49 -1.07 35.03 -0.72
CA ARG C 49 0.17 35.19 -1.50
C ARG C 49 1.38 35.63 -0.68
N GLU C 50 1.14 36.22 0.48
CA GLU C 50 2.20 36.68 1.35
C GLU C 50 2.26 35.72 2.48
N ILE C 51 3.36 34.99 2.57
CA ILE C 51 3.45 33.84 3.44
C ILE C 51 4.80 33.83 4.17
N LEU C 52 4.76 33.62 5.47
CA LEU C 52 5.96 33.45 6.29
C LEU C 52 6.14 31.99 6.65
N ILE C 53 7.30 31.44 6.33
CA ILE C 53 7.65 30.08 6.72
C ILE C 53 8.55 30.15 7.95
N ILE C 54 8.06 29.58 9.04
CA ILE C 54 8.76 29.50 10.32
C ILE C 54 9.19 28.06 10.52
N SER C 55 10.48 27.81 10.72
CA SER C 55 10.90 26.51 11.24
C SER C 55 12.14 26.64 12.10
N THR C 56 12.81 25.52 12.35
CA THR C 56 13.92 25.45 13.28
C THR C 56 15.13 26.23 12.76
N PRO C 57 16.11 26.49 13.63
CA PRO C 57 17.33 27.16 13.16
C PRO C 57 17.97 26.40 12.00
N GLN C 58 17.94 25.08 12.10
CA GLN C 58 18.61 24.21 11.16
C GLN C 58 17.84 24.12 9.84
N ASP C 59 16.51 24.01 9.90
CA ASP C 59 15.71 23.78 8.68
C ASP C 59 15.29 25.04 7.92
N THR C 60 15.09 26.16 8.63
CA THR C 60 14.64 27.38 7.96
C THR C 60 15.50 27.76 6.74
N PRO C 61 16.84 27.63 6.84
CA PRO C 61 17.65 27.90 5.65
C PRO C 61 17.43 26.90 4.50
N ARG C 62 17.15 25.65 4.86
CA ARG C 62 16.85 24.63 3.85
C ARG C 62 15.54 24.94 3.11
N PHE C 63 14.51 25.40 3.82
CA PHE C 63 13.28 25.84 3.13
C PHE C 63 13.52 27.03 2.21
N GLN C 64 14.35 27.99 2.65
CA GLN C 64 14.70 29.15 1.81
C GLN C 64 15.31 28.70 0.50
N GLN C 65 16.28 27.82 0.61
CA GLN C 65 16.91 27.22 -0.57
C GLN C 65 15.91 26.48 -1.47
N LEU C 66 14.98 25.71 -0.89
CA LEU C 66 13.93 25.04 -1.69
C LEU C 66 13.01 26.03 -2.39
N LEU C 67 12.54 27.02 -1.65
CA LEU C 67 11.41 27.83 -2.07
C LEU C 67 11.74 29.25 -2.53
N GLY C 68 12.91 29.76 -2.17
CA GLY C 68 13.28 31.14 -2.57
C GLY C 68 12.36 32.21 -1.99
N ASP C 69 12.24 33.32 -2.69
CA ASP C 69 11.33 34.39 -2.27
C ASP C 69 9.91 34.24 -2.84
N GLY C 70 9.71 33.20 -3.67
CA GLY C 70 8.40 32.86 -4.22
C GLY C 70 7.96 33.66 -5.42
N SER C 71 8.77 34.62 -5.86
CA SER C 71 8.44 35.43 -7.04
C SER C 71 8.28 34.58 -8.28
N ASN C 72 8.96 33.45 -8.35
CA ASN C 72 8.74 32.48 -9.43
C ASN C 72 7.30 31.96 -9.51
N TRP C 73 6.60 31.90 -8.38
CA TRP C 73 5.24 31.38 -8.31
C TRP C 73 4.24 32.44 -7.99
N GLY C 74 4.64 33.72 -8.10
CA GLY C 74 3.71 34.84 -7.90
C GLY C 74 3.42 35.11 -6.43
N LEU C 75 4.25 34.56 -5.55
CA LEU C 75 4.08 34.69 -4.11
C LEU C 75 5.12 35.65 -3.57
N ASP C 76 4.96 35.99 -2.30
CA ASP C 76 5.95 36.76 -1.55
C ASP C 76 6.25 35.97 -0.28
N LEU C 77 7.36 35.21 -0.30
CA LEU C 77 7.73 34.34 0.81
C LEU C 77 8.78 35.03 1.65
N GLN C 78 8.66 34.91 2.97
CA GLN C 78 9.66 35.37 3.91
C GLN C 78 9.84 34.25 4.91
N TYR C 79 10.90 34.33 5.70
CA TYR C 79 11.22 33.31 6.66
C TYR C 79 11.51 33.89 8.04
N ALA C 80 11.35 33.05 9.06
CA ALA C 80 11.69 33.35 10.46
C ALA C 80 11.97 32.05 11.16
N VAL C 81 12.69 32.10 12.27
CA VAL C 81 12.99 30.86 12.96
C VAL C 81 12.39 30.89 14.34
N GLN C 82 12.09 29.68 14.82
CA GLN C 82 11.64 29.40 16.16
C GLN C 82 12.81 28.67 16.82
N PRO C 83 13.56 29.37 17.68
CA PRO C 83 14.78 28.78 18.29
C PRO C 83 14.54 27.53 19.13
N SER C 84 13.35 27.37 19.67
CA SER C 84 13.05 26.22 20.51
C SER C 84 11.57 25.86 20.39
N PRO C 85 11.22 24.57 20.38
CA PRO C 85 9.82 24.20 20.14
C PRO C 85 8.91 24.48 21.33
N ASP C 86 8.67 25.76 21.59
CA ASP C 86 7.95 26.25 22.76
C ASP C 86 6.43 26.38 22.54
N GLY C 87 5.90 25.71 21.51
CA GLY C 87 4.47 25.67 21.22
C GLY C 87 4.10 26.35 19.91
N LEU C 88 3.05 25.84 19.26
CA LEU C 88 2.57 26.36 17.99
C LEU C 88 2.16 27.83 18.04
N ALA C 89 1.64 28.28 19.19
CA ALA C 89 1.09 29.63 19.33
C ALA C 89 2.17 30.69 19.26
N GLN C 90 3.41 30.28 19.47
CA GLN C 90 4.53 31.19 19.39
C GLN C 90 4.70 31.75 17.98
N ALA C 91 4.11 31.08 17.00
CA ALA C 91 4.18 31.55 15.62
C ALA C 91 3.75 33.03 15.50
N PHE C 92 2.75 33.42 16.29
CA PHE C 92 2.21 34.78 16.20
C PHE C 92 3.10 35.81 16.85
N LEU C 93 3.92 35.41 17.83
CA LEU C 93 4.93 36.32 18.40
C LEU C 93 6.11 36.45 17.47
N ILE C 94 6.58 35.32 16.95
CA ILE C 94 7.66 35.35 15.97
C ILE C 94 7.26 36.20 14.75
N GLY C 95 5.99 36.11 14.36
CA GLY C 95 5.51 36.74 13.13
C GLY C 95 4.74 38.03 13.31
N GLU C 96 4.81 38.56 14.53
CA GLU C 96 4.11 39.78 14.88
C GLU C 96 4.37 40.86 13.84
N SER C 97 5.64 41.12 13.53
CA SER C 97 5.94 42.17 12.54
C SER C 97 5.50 41.76 11.14
N PHE C 98 5.67 40.49 10.79
CA PHE C 98 5.15 40.02 9.52
C PHE C 98 3.63 40.34 9.42
N ILE C 99 2.89 39.99 10.46
CA ILE C 99 1.43 40.16 10.47
C ILE C 99 0.95 41.61 10.40
N GLY C 100 1.65 42.53 11.05
CA GLY C 100 1.22 43.94 11.05
C GLY C 100 -0.18 44.08 11.66
N ASN C 101 -1.04 44.83 10.99
CA ASN C 101 -2.42 45.02 11.42
C ASN C 101 -3.39 44.28 10.50
N ASP C 102 -2.89 43.26 9.82
CA ASP C 102 -3.67 42.49 8.86
C ASP C 102 -4.27 41.23 9.44
N LEU C 103 -5.20 40.65 8.71
CA LEU C 103 -5.76 39.32 9.05
C LEU C 103 -4.70 38.26 8.77
N SER C 104 -4.80 37.08 9.40
CA SER C 104 -3.85 36.00 9.16
C SER C 104 -4.45 34.59 9.09
N ALA C 105 -3.66 33.65 8.56
CA ALA C 105 -4.00 32.22 8.51
C ALA C 105 -2.76 31.44 8.89
N LEU C 106 -2.93 30.42 9.73
CA LEU C 106 -1.86 29.54 10.14
C LEU C 106 -2.16 28.10 9.71
N VAL C 107 -1.17 27.44 9.11
CA VAL C 107 -1.25 26.02 8.76
C VAL C 107 0.02 25.31 9.20
N LEU C 108 -0.09 24.05 9.62
CA LEU C 108 1.10 23.30 10.03
C LEU C 108 1.80 22.70 8.82
N GLY C 109 3.13 22.57 8.84
CA GLY C 109 3.89 22.16 7.64
C GLY C 109 3.73 20.71 7.19
N ASP C 110 3.08 19.92 8.03
CA ASP C 110 2.95 18.50 7.81
C ASP C 110 1.47 18.02 7.70
N ASN C 111 0.57 18.93 7.35
CA ASN C 111 -0.82 18.59 7.11
C ASN C 111 -1.12 18.63 5.63
N LEU C 112 -1.68 17.53 5.13
CA LEU C 112 -2.17 17.44 3.77
C LEU C 112 -3.69 17.52 3.77
N TYR C 113 -4.25 18.27 2.82
CA TYR C 113 -5.68 18.30 2.63
C TYR C 113 -5.99 17.92 1.20
N TYR C 114 -7.07 17.15 1.01
CA TYR C 114 -7.57 16.90 -0.35
C TYR C 114 -9.10 16.84 -0.36
N GLY C 115 -9.70 17.45 -1.38
CA GLY C 115 -11.13 17.26 -1.63
C GLY C 115 -11.76 18.27 -2.56
N HIS C 116 -13.03 18.09 -2.84
CA HIS C 116 -13.78 18.93 -3.76
C HIS C 116 -14.34 20.18 -3.12
N ASP C 117 -14.29 21.27 -3.87
CA ASP C 117 -14.81 22.57 -3.45
C ASP C 117 -14.02 23.09 -2.24
N PHE C 118 -12.71 22.86 -2.28
CA PHE C 118 -11.84 23.25 -1.18
C PHE C 118 -11.64 24.76 -1.23
N HIS C 119 -11.76 25.32 -2.42
CA HIS C 119 -11.72 26.77 -2.59
C HIS C 119 -12.81 27.46 -1.82
N GLU C 120 -13.99 26.85 -1.85
CA GLU C 120 -15.17 27.43 -1.22
C GLU C 120 -15.21 27.14 0.27
N LEU C 121 -14.68 25.98 0.69
CA LEU C 121 -14.56 25.73 2.13
C LEU C 121 -13.66 26.81 2.75
N LEU C 122 -12.55 27.12 2.09
CA LEU C 122 -11.59 28.09 2.63
C LEU C 122 -12.07 29.52 2.46
N GLY C 123 -12.87 29.78 1.43
CA GLY C 123 -13.25 31.14 1.06
C GLY C 123 -14.09 31.80 2.13
N SER C 124 -15.08 31.06 2.62
CA SER C 124 -15.94 31.50 3.71
C SER C 124 -15.18 31.78 5.01
N ALA C 125 -14.11 31.04 5.27
CA ALA C 125 -13.24 31.37 6.40
C ALA C 125 -12.39 32.60 6.06
N SER C 126 -11.86 32.67 4.85
CA SER C 126 -11.07 33.84 4.43
C SER C 126 -11.93 35.10 4.43
N GLN C 127 -13.19 34.96 4.05
CA GLN C 127 -14.15 36.05 3.98
C GLN C 127 -14.42 36.72 5.32
N ARG C 128 -14.47 35.95 6.41
CA ARG C 128 -14.70 36.52 7.74
C ARG C 128 -13.57 37.43 8.19
N GLN C 129 -13.85 38.73 8.27
CA GLN C 129 -12.85 39.69 8.75
C GLN C 129 -12.91 39.91 10.27
N THR C 130 -13.83 39.24 10.96
CA THR C 130 -13.94 39.34 12.43
C THR C 130 -13.86 37.97 13.08
N GLY C 131 -13.19 37.87 14.21
CA GLY C 131 -13.11 36.60 14.93
C GLY C 131 -12.14 35.61 14.30
N ALA C 132 -12.22 34.35 14.75
CA ALA C 132 -11.40 33.27 14.27
C ALA C 132 -12.24 32.15 13.62
N SER C 133 -11.63 31.45 12.67
CA SER C 133 -12.24 30.27 12.04
C SER C 133 -11.32 29.07 12.13
N VAL C 134 -11.89 27.94 12.56
CA VAL C 134 -11.22 26.63 12.55
C VAL C 134 -12.13 25.59 11.91
N PHE C 135 -11.55 24.40 11.65
CA PHE C 135 -12.26 23.27 11.05
C PHE C 135 -12.20 22.01 11.92
N ALA C 136 -13.35 21.33 12.04
CA ALA C 136 -13.46 20.13 12.83
C ALA C 136 -13.62 18.95 11.89
N TYR C 137 -12.89 17.88 12.17
CA TYR C 137 -12.86 16.70 11.31
C TYR C 137 -13.01 15.47 12.13
N HIS C 138 -13.99 14.63 11.80
CA HIS C 138 -14.17 13.36 12.49
C HIS C 138 -12.95 12.44 12.30
N VAL C 139 -12.35 12.03 13.42
CA VAL C 139 -11.21 11.12 13.44
C VAL C 139 -11.49 9.96 14.41
N LEU C 140 -10.70 8.91 14.26
CA LEU C 140 -10.77 7.73 15.14
C LEU C 140 -10.07 8.01 16.48
N ASP C 141 -9.00 8.79 16.48
CA ASP C 141 -8.18 8.99 17.68
C ASP C 141 -8.13 10.47 18.14
N PRO C 142 -9.30 11.03 18.52
CA PRO C 142 -9.36 12.43 18.88
C PRO C 142 -8.43 12.85 20.02
N GLU C 143 -8.11 11.94 20.94
CA GLU C 143 -7.16 12.17 22.06
C GLU C 143 -5.82 12.77 21.64
N ARG C 144 -5.43 12.56 20.39
CA ARG C 144 -4.16 13.12 19.89
C ARG C 144 -4.26 14.59 19.48
N TYR C 145 -5.47 15.16 19.45
CA TYR C 145 -5.66 16.48 18.88
C TYR C 145 -6.40 17.41 19.82
N GLY C 146 -6.49 18.67 19.41
CA GLY C 146 -7.46 19.60 19.99
C GLY C 146 -8.87 19.09 19.68
N VAL C 147 -9.71 18.97 20.71
CA VAL C 147 -11.02 18.35 20.55
C VAL C 147 -12.13 19.36 20.78
N VAL C 148 -13.07 19.42 19.84
CA VAL C 148 -14.18 20.36 19.93
C VAL C 148 -15.44 19.58 20.29
N GLU C 149 -16.11 20.00 21.35
CA GLU C 149 -17.40 19.42 21.77
C GLU C 149 -18.49 20.34 21.26
N PHE C 150 -19.56 19.73 20.77
CA PHE C 150 -20.73 20.42 20.22
C PHE C 150 -21.95 20.07 21.05
N ASP C 151 -22.92 20.97 21.15
CA ASP C 151 -24.18 20.66 21.84
C ASP C 151 -25.15 20.04 20.84
N GLN C 152 -26.32 19.60 21.29
CA GLN C 152 -27.28 19.00 20.37
C GLN C 152 -27.74 19.98 19.28
N GLY C 153 -27.61 21.27 19.52
CA GLY C 153 -27.90 22.25 18.48
C GLY C 153 -26.87 22.33 17.36
N GLY C 154 -25.69 21.75 17.56
CA GLY C 154 -24.57 21.90 16.61
C GLY C 154 -23.57 22.98 17.00
N LYS C 155 -23.78 23.62 18.15
CA LYS C 155 -22.94 24.75 18.59
C LYS C 155 -21.70 24.24 19.31
N ALA C 156 -20.53 24.67 18.85
CA ALA C 156 -19.30 24.41 19.57
C ALA C 156 -19.37 25.02 20.97
N ILE C 157 -19.11 24.23 22.01
CA ILE C 157 -19.21 24.70 23.38
C ILE C 157 -17.96 24.51 24.24
N SER C 158 -17.04 23.64 23.85
CA SER C 158 -15.77 23.51 24.56
C SER C 158 -14.65 23.04 23.64
N LEU C 159 -13.42 23.34 24.05
CA LEU C 159 -12.21 22.86 23.40
C LEU C 159 -11.28 22.30 24.47
N GLU C 160 -10.60 21.20 24.17
CA GLU C 160 -9.61 20.64 25.06
C GLU C 160 -8.46 20.13 24.23
N GLU C 161 -7.24 20.38 24.66
CA GLU C 161 -6.05 19.87 24.00
C GLU C 161 -5.72 18.47 24.50
N LYS C 162 -5.76 17.47 23.63
CA LYS C 162 -5.45 16.06 23.98
C LYS C 162 -6.10 15.59 25.29
N PRO C 163 -7.43 15.60 25.34
CA PRO C 163 -8.11 15.17 26.56
C PRO C 163 -7.94 13.65 26.76
N LEU C 164 -7.78 13.22 28.00
CA LEU C 164 -7.79 11.78 28.27
C LEU C 164 -9.17 11.19 27.95
N GLU C 165 -10.24 11.94 28.21
CA GLU C 165 -11.60 11.48 27.92
C GLU C 165 -12.30 12.41 26.93
N PRO C 166 -11.94 12.29 25.63
CA PRO C 166 -12.49 13.22 24.65
C PRO C 166 -14.02 13.28 24.66
N LYS C 167 -14.55 14.48 24.47
CA LYS C 167 -16.00 14.68 24.48
C LYS C 167 -16.69 14.47 23.13
N SER C 168 -15.92 14.47 22.04
CA SER C 168 -16.44 14.05 20.75
C SER C 168 -15.33 13.37 19.94
N ASN C 169 -15.66 12.90 18.73
CA ASN C 169 -14.59 12.47 17.77
C ASN C 169 -14.17 13.55 16.76
N TYR C 170 -14.46 14.81 17.08
CA TYR C 170 -14.12 15.93 16.20
C TYR C 170 -12.82 16.61 16.62
N ALA C 171 -11.79 16.45 15.78
CA ALA C 171 -10.48 17.05 16.04
C ALA C 171 -10.45 18.35 15.29
N VAL C 172 -9.77 19.36 15.84
CA VAL C 172 -9.56 20.62 15.11
C VAL C 172 -8.37 20.45 14.13
N THR C 173 -8.55 20.80 12.87
CA THR C 173 -7.45 20.60 11.90
C THR C 173 -6.40 21.66 12.05
N GLY C 174 -5.24 21.43 11.41
CA GLY C 174 -4.09 22.32 11.52
C GLY C 174 -4.16 23.46 10.52
N LEU C 175 -5.34 24.05 10.36
CA LEU C 175 -5.52 25.22 9.52
C LEU C 175 -6.40 26.18 10.31
N TYR C 176 -5.88 27.38 10.55
CA TYR C 176 -6.53 28.32 11.43
C TYR C 176 -6.57 29.68 10.76
N PHE C 177 -7.72 30.34 10.78
CA PHE C 177 -7.88 31.71 10.29
C PHE C 177 -8.12 32.68 11.46
N TYR C 178 -7.44 33.82 11.44
CA TYR C 178 -7.51 34.79 12.55
C TYR C 178 -7.63 36.24 12.09
N ASP C 179 -8.22 37.05 12.96
CA ASP C 179 -8.32 38.48 12.79
C ASP C 179 -7.15 39.15 13.51
N GLN C 180 -7.18 40.48 13.63
CA GLN C 180 -6.09 41.26 14.21
C GLN C 180 -5.85 41.03 15.71
N GLN C 181 -6.79 40.38 16.39
CA GLN C 181 -6.66 40.22 17.84
C GLN C 181 -5.68 39.10 18.24
N VAL C 182 -5.15 38.31 17.28
CA VAL C 182 -4.43 37.06 17.62
C VAL C 182 -3.08 37.30 18.29
N VAL C 183 -2.37 38.35 17.91
CA VAL C 183 -1.05 38.57 18.47
C VAL C 183 -1.15 38.91 19.96
N ASP C 184 -2.09 39.78 20.30
CA ASP C 184 -2.27 40.15 21.72
C ASP C 184 -2.72 38.96 22.55
N ILE C 185 -3.59 38.11 21.99
CA ILE C 185 -4.01 36.90 22.70
C ILE C 185 -2.76 36.05 22.90
N ALA C 186 -1.97 35.89 21.85
CA ALA C 186 -0.75 35.07 21.92
C ALA C 186 0.21 35.61 23.00
N ARG C 187 0.36 36.92 23.05
CA ARG C 187 1.28 37.56 23.98
C ARG C 187 0.90 37.34 25.47
N ASP C 188 -0.39 37.21 25.79
CA ASP C 188 -0.84 36.94 27.17
C ASP C 188 -0.85 35.46 27.57
N LEU C 189 -0.63 34.54 26.64
CA LEU C 189 -0.60 33.12 27.00
C LEU C 189 0.46 32.80 28.04
N LYS C 190 0.17 31.81 28.88
CA LYS C 190 1.15 31.23 29.78
C LYS C 190 1.44 29.81 29.31
N PRO C 191 2.65 29.29 29.59
CA PRO C 191 2.95 27.90 29.23
C PRO C 191 2.01 26.90 29.90
N SER C 192 1.62 25.87 29.16
CA SER C 192 0.81 24.78 29.68
C SER C 192 1.62 23.91 30.65
N PRO C 193 1.02 22.85 31.22
CA PRO C 193 1.79 21.83 31.94
C PRO C 193 3.04 21.33 31.22
N ARG C 194 2.97 21.19 29.88
CA ARG C 194 4.10 20.73 29.07
C ARG C 194 5.07 21.86 28.66
N GLY C 195 4.82 23.09 29.10
CA GLY C 195 5.70 24.21 28.79
C GLY C 195 5.56 24.73 27.35
N GLU C 196 4.35 24.66 26.80
CA GLU C 196 4.08 25.10 25.44
C GLU C 196 3.02 26.21 25.40
N LEU C 197 3.17 27.16 24.49
CA LEU C 197 2.08 28.10 24.18
C LEU C 197 1.15 27.38 23.21
N GLU C 198 -0.08 27.14 23.65
CA GLU C 198 -1.01 26.22 22.98
C GLU C 198 -1.98 26.95 22.10
N ILE C 199 -2.05 26.53 20.83
CA ILE C 199 -3.01 27.08 19.89
C ILE C 199 -4.47 26.87 20.34
N THR C 200 -4.75 25.77 21.04
CA THR C 200 -6.09 25.54 21.61
C THR C 200 -6.49 26.64 22.61
N ASP C 201 -5.53 27.15 23.37
CA ASP C 201 -5.78 28.31 24.26
C ASP C 201 -6.12 29.56 23.46
N VAL C 202 -5.35 29.83 22.39
CA VAL C 202 -5.69 30.89 21.48
C VAL C 202 -7.13 30.68 21.02
N ASN C 203 -7.45 29.47 20.58
CA ASN C 203 -8.77 29.20 20.01
C ASN C 203 -9.88 29.36 21.07
N ARG C 204 -9.60 28.95 22.29
CA ARG C 204 -10.52 29.12 23.40
C ARG C 204 -10.76 30.60 23.76
N ALA C 205 -9.75 31.44 23.64
CA ALA C 205 -9.97 32.87 23.89
C ALA C 205 -11.05 33.42 22.97
N TYR C 206 -11.03 33.02 21.70
CA TYR C 206 -12.06 33.47 20.77
C TYR C 206 -13.42 32.86 21.10
N LEU C 207 -13.43 31.58 21.47
CA LEU C 207 -14.66 30.88 21.83
C LEU C 207 -15.33 31.60 23.02
N GLU C 208 -14.51 31.99 23.99
CA GLU C 208 -14.97 32.69 25.20
C GLU C 208 -15.36 34.14 24.94
N ARG C 209 -15.10 34.65 23.74
CA ARG C 209 -15.64 35.93 23.30
C ARG C 209 -16.78 35.70 22.33
N GLY C 210 -17.16 34.45 22.14
CA GLY C 210 -18.14 34.13 21.12
C GLY C 210 -17.70 34.54 19.74
N GLN C 211 -16.39 34.49 19.46
CA GLN C 211 -15.89 34.90 18.14
C GLN C 211 -15.16 33.80 17.35
N LEU C 212 -15.51 32.55 17.65
CA LEU C 212 -14.89 31.39 17.01
C LEU C 212 -15.91 30.76 16.13
N SER C 213 -15.61 30.66 14.85
CA SER C 213 -16.45 29.88 13.95
C SER C 213 -15.79 28.51 13.84
N VAL C 214 -16.55 27.46 14.09
CA VAL C 214 -16.07 26.09 13.89
C VAL C 214 -16.86 25.40 12.76
N GLU C 215 -16.33 25.42 11.54
CA GLU C 215 -16.94 24.74 10.42
C GLU C 215 -16.53 23.28 10.34
N ILE C 216 -17.46 22.45 9.88
CA ILE C 216 -17.20 21.05 9.66
C ILE C 216 -16.47 20.84 8.34
N MET C 217 -15.32 20.18 8.41
CA MET C 217 -14.65 19.65 7.24
C MET C 217 -15.16 18.24 7.12
N GLY C 218 -16.05 18.03 6.15
CA GLY C 218 -16.83 16.81 6.02
C GLY C 218 -16.01 15.59 5.63
N ARG C 219 -16.65 14.43 5.75
CA ARG C 219 -15.98 13.14 5.61
C ARG C 219 -15.53 12.87 4.16
N GLY C 220 -16.10 13.61 3.22
CA GLY C 220 -15.66 13.64 1.83
C GLY C 220 -14.32 14.29 1.52
N TYR C 221 -13.75 14.95 2.51
CA TYR C 221 -12.41 15.50 2.45
C TYR C 221 -11.41 14.58 3.11
N ALA C 222 -10.21 14.55 2.58
CA ALA C 222 -9.13 13.80 3.22
C ALA C 222 -8.24 14.78 3.96
N TRP C 223 -8.16 14.64 5.27
CA TRP C 223 -7.18 15.34 6.06
C TRP C 223 -6.26 14.29 6.59
N LEU C 224 -5.02 14.31 6.12
CA LEU C 224 -4.03 13.31 6.51
C LEU C 224 -2.96 13.99 7.31
N ASP C 225 -2.37 13.25 8.23
CA ASP C 225 -1.14 13.74 8.81
C ASP C 225 0.00 12.72 8.71
N THR C 226 1.17 13.22 9.02
CA THR C 226 2.42 12.60 8.67
C THR C 226 3.17 12.34 9.97
N GLY C 227 2.42 11.98 11.01
CA GLY C 227 2.96 11.90 12.36
C GLY C 227 3.92 10.75 12.59
N THR C 228 3.60 9.59 12.03
CA THR C 228 4.42 8.40 12.18
C THR C 228 4.96 7.96 10.82
N HIS C 229 5.90 7.00 10.84
CA HIS C 229 6.39 6.39 9.61
C HIS C 229 5.27 5.74 8.86
N ASP C 230 4.36 5.11 9.60
CA ASP C 230 3.20 4.47 9.03
C ASP C 230 2.32 5.44 8.26
N SER C 231 1.96 6.56 8.89
CA SER C 231 1.03 7.50 8.24
C SER C 231 1.71 8.21 7.04
N LEU C 232 3.01 8.48 7.14
CA LEU C 232 3.78 9.02 6.02
C LEU C 232 3.59 8.16 4.78
N LEU C 233 3.79 6.85 4.95
CA LEU C 233 3.57 5.86 3.91
C LEU C 233 2.13 5.84 3.35
N GLU C 234 1.13 5.88 4.23
CA GLU C 234 -0.28 5.93 3.77
C GLU C 234 -0.57 7.17 2.96
N ALA C 235 -0.01 8.30 3.39
CA ALA C 235 -0.24 9.55 2.71
C ALA C 235 0.38 9.45 1.29
N GLY C 236 1.56 8.85 1.20
CA GLY C 236 2.23 8.64 -0.10
C GLY C 236 1.44 7.81 -1.09
N GLN C 237 0.82 6.73 -0.62
CA GLN C 237 0.02 5.81 -1.43
C GLN C 237 -1.30 6.47 -1.88
N PHE C 238 -1.86 7.24 -0.98
CA PHE C 238 -3.08 7.99 -1.22
C PHE C 238 -2.89 8.98 -2.36
N ILE C 239 -1.87 9.82 -2.25
CA ILE C 239 -1.54 10.75 -3.34
C ILE C 239 -1.14 10.00 -4.65
N ALA C 240 -0.46 8.86 -4.53
CA ALA C 240 -0.01 8.11 -5.71
C ALA C 240 -1.22 7.58 -6.49
N THR C 241 -2.21 7.04 -5.77
CA THR C 241 -3.43 6.52 -6.40
C THR C 241 -4.29 7.60 -7.10
N LEU C 242 -4.47 8.76 -6.47
CA LEU C 242 -5.21 9.86 -7.10
C LEU C 242 -4.51 10.29 -8.39
N GLU C 243 -3.22 10.62 -8.27
CA GLU C 243 -2.43 11.13 -9.39
C GLU C 243 -2.34 10.17 -10.55
N ASN C 244 -2.07 8.91 -10.26
CA ASN C 244 -1.95 7.91 -11.34
C ASN C 244 -3.30 7.57 -12.01
N ARG C 245 -4.38 7.65 -11.24
CA ARG C 245 -5.71 7.49 -11.78
C ARG C 245 -6.04 8.67 -12.70
N GLN C 246 -5.75 9.90 -12.24
CA GLN C 246 -6.25 11.12 -12.89
C GLN C 246 -5.33 11.70 -13.98
N GLY C 247 -4.03 11.44 -13.89
CA GLY C 247 -3.07 12.21 -14.67
C GLY C 247 -3.01 13.67 -14.24
N LEU C 248 -3.46 13.96 -13.02
CA LEU C 248 -3.46 15.31 -12.47
C LEU C 248 -2.80 15.25 -11.12
N LYS C 249 -2.02 16.26 -10.76
CA LYS C 249 -1.32 16.27 -9.48
C LYS C 249 -2.12 16.96 -8.38
N VAL C 250 -1.91 16.49 -7.15
CA VAL C 250 -2.40 17.14 -5.95
C VAL C 250 -1.32 18.11 -5.37
N ALA C 251 -1.74 19.34 -5.09
CA ALA C 251 -0.94 20.39 -4.47
C ALA C 251 0.35 20.72 -5.18
N CYS C 252 0.26 20.89 -6.50
CA CYS C 252 1.35 21.38 -7.31
C CYS C 252 1.32 22.89 -7.28
N PRO C 253 2.28 23.54 -6.58
CA PRO C 253 2.15 24.97 -6.42
C PRO C 253 2.18 25.74 -7.74
N GLU C 254 3.00 25.28 -8.68
CA GLU C 254 3.09 26.00 -9.95
C GLU C 254 1.72 26.01 -10.65
N GLU C 255 0.99 24.88 -10.59
CA GLU C 255 -0.33 24.80 -11.21
C GLU C 255 -1.32 25.72 -10.51
N ILE C 256 -1.34 25.69 -9.18
CA ILE C 256 -2.27 26.53 -8.44
C ILE C 256 -2.01 28.01 -8.75
N ALA C 257 -0.75 28.42 -8.75
CA ALA C 257 -0.39 29.79 -9.10
C ALA C 257 -0.88 30.17 -10.50
N TYR C 258 -0.69 29.27 -11.46
CA TYR C 258 -1.11 29.52 -12.84
C TYR C 258 -2.64 29.61 -12.98
N ARG C 259 -3.38 28.79 -12.23
CA ARG C 259 -4.84 28.77 -12.29
C ARG C 259 -5.46 29.93 -11.52
N GLN C 260 -4.69 30.53 -10.61
CA GLN C 260 -5.13 31.74 -9.90
C GLN C 260 -4.82 33.02 -10.70
N LYS C 261 -4.17 32.88 -11.86
CA LYS C 261 -3.69 34.00 -12.67
C LYS C 261 -2.53 34.76 -12.01
N TRP C 262 -1.78 34.09 -11.15
CA TRP C 262 -0.62 34.71 -10.46
C TRP C 262 0.65 34.60 -11.26
N ILE C 263 0.72 33.61 -12.13
CA ILE C 263 1.75 33.59 -13.17
C ILE C 263 1.05 33.28 -14.48
N ASP C 264 1.65 33.69 -15.60
CA ASP C 264 1.09 33.41 -16.94
C ASP C 264 1.77 32.24 -17.63
N ALA C 265 1.32 31.92 -18.84
CA ALA C 265 1.86 30.78 -19.59
C ALA C 265 3.37 30.82 -19.74
N ALA C 266 3.88 31.99 -20.11
CA ALA C 266 5.29 32.15 -20.44
C ALA C 266 6.16 31.82 -19.23
N GLN C 267 5.72 32.29 -18.07
CA GLN C 267 6.40 32.04 -16.80
C GLN C 267 6.36 30.54 -16.41
N LEU C 268 5.20 29.92 -16.56
CA LEU C 268 5.06 28.50 -16.26
C LEU C 268 5.92 27.68 -17.22
N GLU C 269 5.98 28.11 -18.47
CA GLU C 269 6.87 27.49 -19.46
C GLU C 269 8.33 27.51 -18.99
N LYS C 270 8.81 28.65 -18.51
CA LYS C 270 10.19 28.75 -17.94
C LYS C 270 10.39 27.86 -16.72
N LEU C 271 9.37 27.74 -15.86
CA LEU C 271 9.47 26.89 -14.69
C LEU C 271 9.60 25.41 -15.06
N ALA C 272 8.97 25.03 -16.17
CA ALA C 272 9.01 23.64 -16.66
C ALA C 272 10.34 23.21 -17.33
N ALA C 273 11.09 24.15 -17.89
CA ALA C 273 12.33 23.78 -18.61
C ALA C 273 13.34 22.97 -17.78
N PRO C 274 13.69 23.46 -16.56
CA PRO C 274 14.71 22.75 -15.77
C PRO C 274 14.40 21.27 -15.49
N LEU C 275 13.12 20.95 -15.36
CA LEU C 275 12.70 19.59 -15.06
C LEU C 275 12.06 18.90 -16.28
N ALA C 276 12.37 19.38 -17.49
CA ALA C 276 11.73 18.86 -18.70
C ALA C 276 11.92 17.34 -18.92
N LYS C 277 12.97 16.77 -18.34
CA LYS C 277 13.26 15.34 -18.53
C LYS C 277 12.64 14.40 -17.50
N ASN C 278 11.97 14.95 -16.47
CA ASN C 278 11.21 14.12 -15.51
C ASN C 278 9.70 14.40 -15.57
N GLY C 279 8.93 13.58 -14.85
CA GLY C 279 7.47 13.62 -14.89
C GLY C 279 6.86 14.95 -14.47
N TYR C 280 7.57 15.69 -13.63
CA TYR C 280 7.05 16.90 -13.04
C TYR C 280 7.05 18.06 -14.04
N GLY C 281 8.22 18.33 -14.63
CA GLY C 281 8.34 19.31 -15.73
C GLY C 281 7.45 18.97 -16.91
N GLN C 282 7.42 17.69 -17.28
CA GLN C 282 6.51 17.22 -18.35
C GLN C 282 5.04 17.52 -18.00
N TYR C 283 4.69 17.36 -16.72
CA TYR C 283 3.36 17.73 -16.25
C TYR C 283 3.11 19.23 -16.35
N LEU C 284 4.05 20.06 -15.87
CA LEU C 284 3.88 21.51 -16.02
C LEU C 284 3.69 21.91 -17.48
N LYS C 285 4.52 21.36 -18.37
CA LYS C 285 4.37 21.59 -19.82
C LYS C 285 2.94 21.28 -20.34
N ARG C 286 2.39 20.11 -19.97
CA ARG C 286 1.05 19.72 -20.43
C ARG C 286 -0.05 20.69 -19.98
N LEU C 287 0.09 21.31 -18.82
CA LEU C 287 -0.88 22.29 -18.34
C LEU C 287 -1.02 23.52 -19.24
N LEU C 288 0.01 23.80 -20.04
CA LEU C 288 -0.02 24.93 -20.98
C LEU C 288 -0.95 24.66 -22.16
N THR C 289 -1.13 23.38 -22.54
CA THR C 289 -1.93 23.06 -23.73
C THR C 289 -3.26 22.37 -23.46
N GLU C 290 -3.55 22.06 -22.19
CA GLU C 290 -4.80 21.37 -21.84
C GLU C 290 -5.78 22.22 -21.03
N THR C 291 -7.07 22.13 -21.35
CA THR C 291 -8.12 22.65 -20.48
C THR C 291 -8.42 21.58 -19.41
N VAL C 292 -8.38 21.98 -18.14
CA VAL C 292 -8.75 21.12 -17.03
C VAL C 292 -9.80 21.85 -16.23
N TYR C 293 -10.98 21.25 -16.12
CA TYR C 293 -12.10 21.89 -15.42
C TYR C 293 -12.02 21.57 -13.95
N MET D 1 -42.79 10.01 -11.06
CA MET D 1 -41.86 10.78 -10.17
C MET D 1 -40.74 9.90 -9.54
N LYS D 2 -40.86 8.58 -9.69
CA LYS D 2 -39.85 7.61 -9.25
C LYS D 2 -38.67 7.55 -10.20
N ARG D 3 -37.45 7.64 -9.68
CA ARG D 3 -36.31 7.14 -10.45
C ARG D 3 -35.95 5.71 -9.99
N LYS D 4 -35.87 4.79 -10.93
CA LYS D 4 -35.49 3.41 -10.64
C LYS D 4 -34.02 3.19 -10.97
N GLY D 5 -33.34 2.39 -10.17
CA GLY D 5 -31.91 2.13 -10.41
C GLY D 5 -31.61 0.77 -11.01
N ILE D 6 -30.54 0.68 -11.80
CA ILE D 6 -29.99 -0.61 -12.21
C ILE D 6 -28.48 -0.69 -11.90
N ILE D 7 -28.05 -1.79 -11.28
CA ILE D 7 -26.62 -2.06 -11.10
C ILE D 7 -26.27 -3.17 -12.07
N LEU D 8 -25.44 -2.87 -13.06
CA LEU D 8 -24.96 -3.90 -13.98
C LEU D 8 -23.67 -4.49 -13.41
N ALA D 9 -23.78 -5.72 -12.90
CA ALA D 9 -22.67 -6.49 -12.38
C ALA D 9 -22.35 -7.62 -13.36
N GLY D 10 -21.86 -7.26 -14.53
CA GLY D 10 -21.64 -8.23 -15.59
C GLY D 10 -20.49 -9.17 -15.32
N GLY D 11 -20.10 -9.89 -16.36
CA GLY D 11 -18.96 -10.77 -16.31
C GLY D 11 -17.75 -9.97 -16.70
N SER D 12 -16.62 -10.20 -16.01
CA SER D 12 -15.33 -9.73 -16.50
C SER D 12 -14.70 -10.83 -17.36
N GLY D 13 -15.55 -11.69 -17.93
CA GLY D 13 -15.13 -12.87 -18.66
C GLY D 13 -14.09 -13.65 -17.88
N THR D 14 -12.95 -13.91 -18.53
CA THR D 14 -11.84 -14.62 -17.94
C THR D 14 -10.66 -13.68 -17.67
N ARG D 15 -10.90 -12.36 -17.75
CA ARG D 15 -9.83 -11.35 -17.68
C ARG D 15 -9.07 -11.34 -16.34
N LEU D 16 -9.77 -11.66 -15.27
CA LEU D 16 -9.18 -11.67 -13.93
C LEU D 16 -9.08 -13.08 -13.36
N HIS D 17 -9.20 -14.09 -14.22
CA HIS D 17 -8.97 -15.47 -13.80
C HIS D 17 -7.50 -15.64 -13.53
N PRO D 18 -7.13 -16.49 -12.54
CA PRO D 18 -7.96 -17.37 -11.73
C PRO D 18 -8.49 -16.77 -10.41
N ALA D 19 -8.13 -15.55 -10.06
CA ALA D 19 -8.61 -14.91 -8.84
C ALA D 19 -10.14 -14.92 -8.73
N THR D 20 -10.81 -14.72 -9.86
CA THR D 20 -12.27 -14.71 -9.93
C THR D 20 -12.86 -16.04 -10.46
N LEU D 21 -12.09 -17.12 -10.45
CA LEU D 21 -12.65 -18.43 -10.83
C LEU D 21 -13.74 -18.84 -9.84
N ALA D 22 -13.57 -18.53 -8.57
CA ALA D 22 -14.53 -18.92 -7.51
C ALA D 22 -15.67 -17.92 -7.28
N ILE D 23 -15.45 -16.63 -7.57
CA ILE D 23 -16.51 -15.63 -7.42
C ILE D 23 -16.41 -14.45 -8.40
N SER D 24 -17.56 -13.90 -8.75
CA SER D 24 -17.65 -12.70 -9.59
C SER D 24 -16.83 -11.54 -9.02
N LYS D 25 -16.31 -10.71 -9.92
CA LYS D 25 -15.50 -9.55 -9.54
C LYS D 25 -16.23 -8.71 -8.52
N GLN D 26 -17.55 -8.52 -8.71
CA GLN D 26 -18.27 -7.55 -7.88
C GLN D 26 -18.68 -8.14 -6.55
N LEU D 27 -18.43 -9.42 -6.33
CA LEU D 27 -18.61 -10.01 -5.00
C LEU D 27 -17.32 -10.00 -4.16
N LEU D 28 -16.17 -9.71 -4.77
CA LEU D 28 -14.92 -9.53 -4.02
C LEU D 28 -15.08 -8.33 -3.09
N PRO D 29 -14.27 -8.31 -2.02
CA PRO D 29 -14.26 -7.12 -1.18
C PRO D 29 -13.29 -6.04 -1.64
N VAL D 30 -13.71 -4.80 -1.45
CA VAL D 30 -12.79 -3.70 -1.46
C VAL D 30 -12.70 -3.37 0.02
N TYR D 31 -11.55 -3.69 0.59
CA TYR D 31 -11.28 -3.61 2.03
C TYR D 31 -12.29 -4.37 2.88
N ASP D 32 -13.27 -3.68 3.47
CA ASP D 32 -14.09 -4.31 4.49
C ASP D 32 -15.51 -4.67 4.05
N LYS D 33 -15.83 -4.51 2.77
CA LYS D 33 -17.18 -4.77 2.33
C LYS D 33 -17.18 -5.18 0.88
N PRO D 34 -18.18 -5.95 0.46
CA PRO D 34 -18.28 -6.38 -0.94
C PRO D 34 -18.32 -5.20 -1.91
N MET D 35 -17.72 -5.39 -3.08
CA MET D 35 -17.60 -4.33 -4.05
C MET D 35 -18.93 -3.69 -4.43
N ILE D 36 -20.00 -4.50 -4.51
CA ILE D 36 -21.30 -3.99 -4.94
C ILE D 36 -21.91 -3.01 -3.94
N TYR D 37 -21.49 -3.08 -2.68
CA TYR D 37 -21.93 -2.12 -1.68
C TYR D 37 -21.67 -0.67 -2.13
N TYR D 38 -20.60 -0.46 -2.89
CA TYR D 38 -20.16 0.89 -3.25
C TYR D 38 -21.11 1.54 -4.24
N PRO D 39 -21.31 0.92 -5.41
CA PRO D 39 -22.34 1.46 -6.33
C PRO D 39 -23.77 1.40 -5.77
N LEU D 40 -24.09 0.40 -4.95
CA LEU D 40 -25.39 0.36 -4.30
C LEU D 40 -25.57 1.61 -3.44
N SER D 41 -24.59 1.87 -2.60
CA SER D 41 -24.58 3.08 -1.77
C SER D 41 -24.73 4.34 -2.64
N THR D 42 -24.12 4.33 -3.82
CA THR D 42 -24.21 5.44 -4.74
C THR D 42 -25.64 5.67 -5.26
N LEU D 43 -26.34 4.61 -5.66
CA LEU D 43 -27.73 4.77 -6.04
C LEU D 43 -28.58 5.21 -4.82
N MET D 44 -28.27 4.70 -3.63
CA MET D 44 -29.00 5.09 -2.41
C MET D 44 -28.81 6.58 -2.10
N LEU D 45 -27.59 7.06 -2.22
CA LEU D 45 -27.29 8.48 -2.03
C LEU D 45 -28.03 9.36 -3.06
N ALA D 46 -28.27 8.85 -4.26
CA ALA D 46 -29.03 9.57 -5.28
C ALA D 46 -30.56 9.53 -5.03
N GLY D 47 -30.96 8.90 -3.93
CA GLY D 47 -32.37 8.79 -3.53
C GLY D 47 -33.16 7.62 -4.14
N ILE D 48 -32.45 6.65 -4.70
CA ILE D 48 -33.08 5.55 -5.42
C ILE D 48 -33.19 4.32 -4.53
N ARG D 49 -34.42 3.80 -4.40
CA ARG D 49 -34.70 2.68 -3.50
C ARG D 49 -35.08 1.41 -4.22
N GLU D 50 -35.64 1.53 -5.42
CA GLU D 50 -36.00 0.37 -6.21
C GLU D 50 -34.95 0.18 -7.26
N ILE D 51 -34.26 -0.94 -7.15
CA ILE D 51 -33.03 -1.18 -7.90
C ILE D 51 -33.09 -2.60 -8.40
N LEU D 52 -32.77 -2.78 -9.68
CA LEU D 52 -32.64 -4.08 -10.31
C LEU D 52 -31.13 -4.41 -10.35
N ILE D 53 -30.76 -5.61 -9.92
CA ILE D 53 -29.37 -6.04 -10.07
C ILE D 53 -29.26 -7.06 -11.18
N ILE D 54 -28.43 -6.74 -12.18
CA ILE D 54 -28.17 -7.63 -13.30
C ILE D 54 -26.75 -8.21 -13.22
N SER D 55 -26.66 -9.53 -13.17
CA SER D 55 -25.37 -10.20 -13.32
C SER D 55 -25.48 -11.44 -14.20
N THR D 56 -24.44 -12.27 -14.20
CA THR D 56 -24.42 -13.45 -15.06
C THR D 56 -25.37 -14.53 -14.50
N PRO D 57 -25.68 -15.54 -15.32
CA PRO D 57 -26.39 -16.72 -14.82
C PRO D 57 -25.82 -17.29 -13.51
N GLN D 58 -24.51 -17.53 -13.48
CA GLN D 58 -23.86 -18.09 -12.28
C GLN D 58 -23.91 -17.16 -11.06
N ASP D 59 -23.71 -15.87 -11.29
CA ASP D 59 -23.52 -14.93 -10.19
C ASP D 59 -24.82 -14.33 -9.62
N THR D 60 -25.80 -14.01 -10.49
CA THR D 60 -27.06 -13.41 -10.01
C THR D 60 -27.62 -14.07 -8.73
N PRO D 61 -27.70 -15.41 -8.69
CA PRO D 61 -28.16 -16.05 -7.45
C PRO D 61 -27.33 -15.71 -6.21
N ARG D 62 -26.03 -15.50 -6.38
CA ARG D 62 -25.18 -15.18 -5.23
C ARG D 62 -25.41 -13.74 -4.72
N PHE D 63 -25.62 -12.79 -5.65
CA PHE D 63 -26.05 -11.44 -5.25
C PHE D 63 -27.36 -11.53 -4.45
N GLN D 64 -28.27 -12.40 -4.88
CA GLN D 64 -29.54 -12.63 -4.17
C GLN D 64 -29.35 -13.08 -2.74
N GLN D 65 -28.48 -14.06 -2.54
CA GLN D 65 -28.19 -14.51 -1.17
C GLN D 65 -27.58 -13.38 -0.34
N LEU D 66 -26.61 -12.65 -0.89
CA LEU D 66 -25.97 -11.56 -0.15
C LEU D 66 -26.94 -10.42 0.22
N LEU D 67 -27.80 -10.05 -0.73
CA LEU D 67 -28.56 -8.80 -0.59
C LEU D 67 -30.05 -8.98 -0.26
N GLY D 68 -30.61 -10.14 -0.61
CA GLY D 68 -32.02 -10.39 -0.35
C GLY D 68 -32.96 -9.51 -1.16
N ASP D 69 -34.10 -9.16 -0.57
CA ASP D 69 -35.08 -8.27 -1.26
C ASP D 69 -34.87 -6.82 -0.87
N GLY D 70 -33.85 -6.57 -0.05
CA GLY D 70 -33.43 -5.23 0.31
C GLY D 70 -34.22 -4.60 1.42
N SER D 71 -35.29 -5.26 1.85
CA SER D 71 -36.22 -4.72 2.85
C SER D 71 -35.59 -4.43 4.18
N ASN D 72 -34.53 -5.17 4.52
CA ASN D 72 -33.81 -4.87 5.77
C ASN D 72 -33.11 -3.49 5.75
N TRP D 73 -32.92 -2.93 4.54
CA TRP D 73 -32.27 -1.62 4.37
C TRP D 73 -33.17 -0.56 3.77
N GLY D 74 -34.48 -0.83 3.73
CA GLY D 74 -35.46 0.15 3.24
C GLY D 74 -35.50 0.21 1.73
N LEU D 75 -34.96 -0.83 1.10
CA LEU D 75 -34.85 -0.87 -0.34
C LEU D 75 -35.83 -1.89 -0.87
N ASP D 76 -35.95 -1.95 -2.18
CA ASP D 76 -36.77 -2.94 -2.83
C ASP D 76 -35.96 -3.48 -4.00
N LEU D 77 -35.43 -4.70 -3.86
CA LEU D 77 -34.47 -5.21 -4.83
C LEU D 77 -35.04 -6.33 -5.64
N GLN D 78 -34.63 -6.37 -6.90
CA GLN D 78 -34.96 -7.45 -7.83
C GLN D 78 -33.73 -7.85 -8.59
N TYR D 79 -33.82 -8.98 -9.29
CA TYR D 79 -32.68 -9.57 -9.95
C TYR D 79 -33.05 -10.01 -11.34
N ALA D 80 -32.13 -9.84 -12.28
CA ALA D 80 -32.29 -10.37 -13.64
C ALA D 80 -30.94 -10.83 -14.12
N VAL D 81 -30.88 -11.49 -15.27
CA VAL D 81 -29.66 -12.08 -15.76
C VAL D 81 -29.30 -11.55 -17.13
N GLN D 82 -28.02 -11.24 -17.35
CA GLN D 82 -27.47 -11.01 -18.68
C GLN D 82 -26.77 -12.30 -19.11
N PRO D 83 -27.33 -13.05 -20.08
CA PRO D 83 -26.74 -14.37 -20.41
C PRO D 83 -25.43 -14.30 -21.20
N SER D 84 -25.23 -13.21 -21.92
CA SER D 84 -24.00 -13.00 -22.68
C SER D 84 -23.54 -11.54 -22.49
N PRO D 85 -22.22 -11.30 -22.32
CA PRO D 85 -21.76 -9.92 -22.17
C PRO D 85 -21.77 -9.19 -23.51
N ASP D 86 -22.98 -8.82 -23.95
CA ASP D 86 -23.20 -8.25 -25.27
C ASP D 86 -23.38 -6.72 -25.24
N GLY D 87 -23.01 -6.08 -24.13
CA GLY D 87 -22.92 -4.63 -24.06
C GLY D 87 -23.69 -4.07 -22.88
N LEU D 88 -23.18 -2.97 -22.33
CA LEU D 88 -23.82 -2.29 -21.20
C LEU D 88 -25.25 -1.79 -21.53
N ALA D 89 -25.48 -1.40 -22.78
CA ALA D 89 -26.75 -0.85 -23.19
C ALA D 89 -27.86 -1.90 -23.07
N GLN D 90 -27.46 -3.17 -23.09
CA GLN D 90 -28.37 -4.29 -22.92
C GLN D 90 -29.10 -4.24 -21.58
N ALA D 91 -28.50 -3.60 -20.59
CA ALA D 91 -29.15 -3.41 -19.29
C ALA D 91 -30.58 -2.84 -19.41
N PHE D 92 -30.83 -2.08 -20.47
CA PHE D 92 -32.13 -1.41 -20.63
C PHE D 92 -33.18 -2.28 -21.31
N LEU D 93 -32.73 -3.26 -22.10
CA LEU D 93 -33.63 -4.27 -22.67
C LEU D 93 -34.03 -5.27 -21.57
N ILE D 94 -33.06 -5.96 -21.00
CA ILE D 94 -33.27 -6.82 -19.83
C ILE D 94 -34.03 -6.13 -18.72
N GLY D 95 -33.78 -4.83 -18.56
CA GLY D 95 -34.44 -4.07 -17.52
C GLY D 95 -35.69 -3.36 -17.95
N GLU D 96 -36.13 -3.55 -19.18
CA GLU D 96 -37.30 -2.83 -19.68
C GLU D 96 -38.52 -2.94 -18.77
N SER D 97 -38.85 -4.16 -18.35
CA SER D 97 -40.13 -4.35 -17.61
C SER D 97 -40.02 -3.79 -16.20
N PHE D 98 -38.83 -3.96 -15.61
CA PHE D 98 -38.53 -3.36 -14.31
C PHE D 98 -38.70 -1.82 -14.32
N ILE D 99 -38.21 -1.15 -15.36
CA ILE D 99 -38.28 0.32 -15.42
C ILE D 99 -39.70 0.84 -15.61
N GLY D 100 -40.48 0.10 -16.40
CA GLY D 100 -41.84 0.53 -16.74
C GLY D 100 -41.84 1.92 -17.36
N ASN D 101 -42.60 2.82 -16.73
CA ASN D 101 -42.78 4.16 -17.23
C ASN D 101 -41.97 5.17 -16.44
N ASP D 102 -41.00 4.70 -15.66
CA ASP D 102 -40.29 5.60 -14.76
C ASP D 102 -39.00 6.13 -15.34
N LEU D 103 -38.46 7.15 -14.66
CA LEU D 103 -37.13 7.64 -14.93
C LEU D 103 -36.14 6.54 -14.44
N SER D 104 -34.88 6.58 -14.89
CA SER D 104 -33.96 5.52 -14.51
C SER D 104 -32.53 5.99 -14.36
N ALA D 105 -31.73 5.13 -13.71
CA ALA D 105 -30.31 5.36 -13.57
C ALA D 105 -29.61 4.03 -13.68
N LEU D 106 -28.45 4.03 -14.31
CA LEU D 106 -27.60 2.85 -14.42
C LEU D 106 -26.24 3.14 -13.80
N VAL D 107 -25.79 2.28 -12.90
CA VAL D 107 -24.41 2.31 -12.41
C VAL D 107 -23.74 0.96 -12.60
N LEU D 108 -22.45 0.98 -12.95
CA LEU D 108 -21.67 -0.26 -13.12
C LEU D 108 -21.30 -0.82 -11.75
N GLY D 109 -21.37 -2.14 -11.62
CA GLY D 109 -21.22 -2.78 -10.29
C GLY D 109 -19.82 -2.78 -9.72
N ASP D 110 -18.85 -2.39 -10.55
CA ASP D 110 -17.47 -2.25 -10.13
C ASP D 110 -16.98 -0.79 -10.05
N ASN D 111 -17.90 0.18 -10.03
CA ASN D 111 -17.52 1.58 -9.91
C ASN D 111 -17.57 2.07 -8.45
N LEU D 112 -16.47 2.64 -7.97
CA LEU D 112 -16.41 3.24 -6.64
C LEU D 112 -16.22 4.76 -6.75
N TYR D 113 -16.97 5.49 -5.94
CA TYR D 113 -16.92 6.93 -5.92
C TYR D 113 -16.74 7.41 -4.52
N TYR D 114 -15.95 8.46 -4.35
CA TYR D 114 -15.83 9.10 -3.04
C TYR D 114 -15.56 10.60 -3.20
N GLY D 115 -16.22 11.38 -2.34
CA GLY D 115 -16.00 12.82 -2.31
C GLY D 115 -17.04 13.65 -1.59
N HIS D 116 -16.75 14.93 -1.47
CA HIS D 116 -17.58 15.88 -0.76
C HIS D 116 -18.71 16.37 -1.62
N ASP D 117 -19.90 16.41 -1.04
CA ASP D 117 -21.08 17.01 -1.67
C ASP D 117 -21.61 16.03 -2.73
N PHE D 118 -21.30 14.75 -2.57
CA PHE D 118 -21.64 13.71 -3.56
C PHE D 118 -23.14 13.57 -3.66
N HIS D 119 -23.81 13.76 -2.53
CA HIS D 119 -25.26 13.79 -2.48
C HIS D 119 -25.80 14.84 -3.39
N GLU D 120 -25.16 16.02 -3.34
CA GLU D 120 -25.55 17.14 -4.19
C GLU D 120 -25.17 16.95 -5.63
N LEU D 121 -23.98 16.42 -5.89
CA LEU D 121 -23.63 16.12 -7.27
C LEU D 121 -24.71 15.20 -7.86
N LEU D 122 -25.08 14.16 -7.12
CA LEU D 122 -26.05 13.19 -7.61
C LEU D 122 -27.46 13.78 -7.65
N GLY D 123 -27.77 14.67 -6.71
CA GLY D 123 -29.08 15.29 -6.59
C GLY D 123 -29.51 16.04 -7.84
N SER D 124 -28.69 16.99 -8.28
CA SER D 124 -28.99 17.74 -9.50
C SER D 124 -29.35 16.82 -10.66
N ALA D 125 -28.55 15.78 -10.90
CA ALA D 125 -28.80 14.84 -12.01
C ALA D 125 -30.07 14.01 -11.83
N SER D 126 -30.29 13.54 -10.61
CA SER D 126 -31.43 12.68 -10.30
C SER D 126 -32.77 13.46 -10.32
N GLN D 127 -32.69 14.74 -9.99
CA GLN D 127 -33.83 15.68 -9.99
C GLN D 127 -34.27 16.13 -11.39
N ARG D 128 -33.35 16.19 -12.35
CA ARG D 128 -33.74 16.51 -13.72
C ARG D 128 -34.90 15.60 -14.15
N GLN D 129 -35.82 16.17 -14.92
CA GLN D 129 -36.99 15.43 -15.34
C GLN D 129 -36.94 15.22 -16.83
N THR D 130 -35.77 15.36 -17.42
CA THR D 130 -35.66 15.27 -18.85
C THR D 130 -34.23 14.97 -19.27
N GLY D 131 -34.08 14.39 -20.46
CA GLY D 131 -32.75 14.16 -21.01
C GLY D 131 -32.00 13.07 -20.26
N ALA D 132 -30.69 13.07 -20.46
CA ALA D 132 -29.82 12.12 -19.82
C ALA D 132 -28.73 12.93 -19.14
N SER D 133 -28.23 12.42 -18.01
CA SER D 133 -27.08 13.05 -17.33
C SER D 133 -25.96 12.02 -17.12
N VAL D 134 -24.72 12.41 -17.47
CA VAL D 134 -23.52 11.61 -17.26
C VAL D 134 -22.41 12.48 -16.64
N PHE D 135 -21.38 11.84 -16.09
CA PHE D 135 -20.32 12.57 -15.44
C PHE D 135 -19.02 12.34 -16.17
N ALA D 136 -18.23 13.41 -16.32
CA ALA D 136 -16.96 13.36 -17.02
C ALA D 136 -15.85 13.56 -16.01
N TYR D 137 -14.82 12.71 -16.05
CA TYR D 137 -13.76 12.73 -15.06
C TYR D 137 -12.41 12.65 -15.74
N HIS D 138 -11.53 13.59 -15.40
CA HIS D 138 -10.17 13.57 -15.94
C HIS D 138 -9.38 12.34 -15.51
N VAL D 139 -8.97 11.51 -16.46
CA VAL D 139 -8.18 10.31 -16.20
C VAL D 139 -6.87 10.32 -17.01
N LEU D 140 -5.92 9.51 -16.57
CA LEU D 140 -4.66 9.33 -17.29
C LEU D 140 -4.84 8.51 -18.56
N ASP D 141 -5.78 7.57 -18.57
CA ASP D 141 -5.89 6.59 -19.68
C ASP D 141 -7.24 6.62 -20.38
N PRO D 142 -7.62 7.76 -20.98
CA PRO D 142 -8.95 7.89 -21.59
C PRO D 142 -9.32 6.80 -22.62
N GLU D 143 -8.33 6.25 -23.33
CA GLU D 143 -8.52 5.13 -24.31
C GLU D 143 -9.35 3.99 -23.79
N ARG D 144 -9.31 3.75 -22.49
CA ARG D 144 -10.05 2.62 -21.88
C ARG D 144 -11.56 2.86 -21.73
N TYR D 145 -12.05 4.06 -22.02
CA TYR D 145 -13.41 4.47 -21.63
C TYR D 145 -14.15 5.20 -22.75
N GLY D 146 -15.41 5.54 -22.50
CA GLY D 146 -16.08 6.49 -23.36
C GLY D 146 -15.42 7.82 -23.13
N VAL D 147 -15.16 8.57 -24.20
CA VAL D 147 -14.44 9.84 -24.11
C VAL D 147 -15.28 10.98 -24.63
N VAL D 148 -15.39 12.03 -23.83
CA VAL D 148 -16.20 13.19 -24.23
C VAL D 148 -15.29 14.34 -24.65
N GLU D 149 -15.62 14.94 -25.78
CA GLU D 149 -14.90 16.10 -26.30
C GLU D 149 -15.76 17.35 -26.09
N PHE D 150 -15.14 18.41 -25.57
CA PHE D 150 -15.78 19.70 -25.38
C PHE D 150 -15.22 20.73 -26.36
N ASP D 151 -16.04 21.73 -26.69
CA ASP D 151 -15.58 22.89 -27.48
C ASP D 151 -15.00 23.92 -26.51
N GLN D 152 -14.54 25.05 -27.02
CA GLN D 152 -13.86 26.05 -26.17
C GLN D 152 -14.81 26.65 -25.12
N GLY D 153 -16.11 26.62 -25.38
CA GLY D 153 -17.09 27.09 -24.40
C GLY D 153 -17.50 26.08 -23.34
N GLY D 154 -16.88 24.90 -23.35
CA GLY D 154 -17.22 23.82 -22.42
C GLY D 154 -18.42 22.96 -22.83
N LYS D 155 -18.99 23.18 -24.02
CA LYS D 155 -20.12 22.37 -24.49
C LYS D 155 -19.64 21.01 -25.05
N ALA D 156 -20.32 19.93 -24.71
CA ALA D 156 -19.93 18.61 -25.23
C ALA D 156 -20.30 18.54 -26.70
N ILE D 157 -19.36 18.15 -27.56
CA ILE D 157 -19.60 18.07 -29.01
C ILE D 157 -19.37 16.69 -29.65
N SER D 158 -18.76 15.76 -28.92
CA SER D 158 -18.59 14.40 -29.44
C SER D 158 -18.29 13.40 -28.33
N LEU D 159 -18.64 12.14 -28.60
CA LEU D 159 -18.51 11.02 -27.70
C LEU D 159 -18.00 9.83 -28.49
N GLU D 160 -16.92 9.20 -28.00
CA GLU D 160 -16.32 8.05 -28.68
C GLU D 160 -16.00 6.98 -27.67
N GLU D 161 -16.32 5.74 -28.05
CA GLU D 161 -16.04 4.62 -27.20
C GLU D 161 -14.62 4.12 -27.50
N LYS D 162 -13.79 4.09 -26.45
CA LYS D 162 -12.44 3.59 -26.54
C LYS D 162 -11.71 4.06 -27.80
N PRO D 163 -11.66 5.39 -28.01
CA PRO D 163 -10.95 5.90 -29.18
C PRO D 163 -9.47 5.52 -29.14
N LEU D 164 -8.90 5.17 -30.29
CA LEU D 164 -7.44 5.00 -30.43
C LEU D 164 -6.75 6.33 -30.20
N GLU D 165 -7.37 7.41 -30.64
CA GLU D 165 -6.80 8.73 -30.48
C GLU D 165 -7.76 9.62 -29.69
N PRO D 166 -7.78 9.48 -28.36
CA PRO D 166 -8.77 10.22 -27.56
C PRO D 166 -8.70 11.70 -27.78
N LYS D 167 -9.86 12.32 -27.86
CA LYS D 167 -9.91 13.74 -28.17
C LYS D 167 -9.76 14.61 -26.93
N SER D 168 -9.86 13.98 -25.77
CA SER D 168 -9.64 14.66 -24.51
C SER D 168 -9.24 13.60 -23.50
N ASN D 169 -8.99 14.05 -22.27
CA ASN D 169 -8.67 13.14 -21.17
C ASN D 169 -9.89 12.91 -20.27
N TYR D 170 -11.07 13.31 -20.76
CA TYR D 170 -12.31 13.19 -19.99
C TYR D 170 -13.11 11.94 -20.33
N ALA D 171 -13.12 11.00 -19.36
CA ALA D 171 -13.87 9.76 -19.43
C ALA D 171 -15.25 9.93 -18.86
N VAL D 172 -16.22 9.22 -19.43
CA VAL D 172 -17.58 9.18 -18.93
C VAL D 172 -17.60 8.11 -17.86
N THR D 173 -17.93 8.47 -16.61
CA THR D 173 -17.92 7.49 -15.51
C THR D 173 -19.08 6.48 -15.70
N GLY D 174 -19.06 5.41 -14.90
CA GLY D 174 -20.05 4.36 -15.01
C GLY D 174 -21.32 4.66 -14.24
N LEU D 175 -21.82 5.88 -14.39
CA LEU D 175 -23.00 6.34 -13.68
C LEU D 175 -23.80 7.16 -14.67
N TYR D 176 -25.00 6.69 -15.00
CA TYR D 176 -25.82 7.31 -16.01
C TYR D 176 -27.28 7.53 -15.52
N PHE D 177 -27.85 8.70 -15.80
CA PHE D 177 -29.26 8.99 -15.47
C PHE D 177 -30.07 9.23 -16.74
N TYR D 178 -31.30 8.71 -16.80
CA TYR D 178 -32.11 8.76 -18.02
C TYR D 178 -33.56 9.09 -17.75
N ASP D 179 -34.15 9.87 -18.66
CA ASP D 179 -35.59 10.06 -18.74
C ASP D 179 -36.30 8.83 -19.38
N GLN D 180 -37.54 9.02 -19.82
CA GLN D 180 -38.37 7.89 -20.30
C GLN D 180 -38.04 7.46 -21.73
N GLN D 181 -37.03 8.09 -22.35
CA GLN D 181 -36.62 7.78 -23.74
C GLN D 181 -35.57 6.66 -23.87
N VAL D 182 -34.84 6.35 -22.81
CA VAL D 182 -33.68 5.45 -22.97
C VAL D 182 -34.13 4.07 -23.48
N VAL D 183 -35.19 3.51 -22.94
CA VAL D 183 -35.58 2.15 -23.36
C VAL D 183 -35.75 2.05 -24.87
N ASP D 184 -36.48 3.00 -25.45
CA ASP D 184 -36.72 3.01 -26.89
C ASP D 184 -35.47 3.26 -27.70
N ILE D 185 -34.56 4.10 -27.19
CA ILE D 185 -33.29 4.31 -27.85
C ILE D 185 -32.45 3.02 -27.85
N ALA D 186 -32.40 2.36 -26.70
CA ALA D 186 -31.70 1.09 -26.59
C ALA D 186 -32.22 0.06 -27.60
N ARG D 187 -33.54 -0.10 -27.66
CA ARG D 187 -34.16 -1.08 -28.55
C ARG D 187 -33.92 -0.86 -30.04
N ASP D 188 -33.51 0.36 -30.43
CA ASP D 188 -33.16 0.64 -31.83
C ASP D 188 -31.65 0.59 -32.07
N LEU D 189 -30.88 0.30 -31.04
CA LEU D 189 -29.43 0.17 -31.20
C LEU D 189 -29.09 -1.05 -32.06
N LYS D 190 -28.06 -0.93 -32.90
CA LYS D 190 -27.45 -2.10 -33.54
C LYS D 190 -26.07 -2.34 -32.93
N PRO D 191 -25.64 -3.61 -32.86
CA PRO D 191 -24.27 -3.95 -32.44
C PRO D 191 -23.16 -3.16 -33.13
N SER D 192 -22.16 -2.72 -32.36
CA SER D 192 -20.98 -2.07 -32.92
C SER D 192 -20.05 -3.14 -33.51
N PRO D 193 -18.97 -2.72 -34.20
CA PRO D 193 -17.97 -3.66 -34.72
C PRO D 193 -17.48 -4.76 -33.76
N ARG D 194 -17.31 -4.45 -32.48
CA ARG D 194 -16.91 -5.50 -31.52
C ARG D 194 -18.11 -6.30 -31.00
N GLY D 195 -19.26 -6.12 -31.65
CA GLY D 195 -20.45 -6.93 -31.41
C GLY D 195 -21.17 -6.54 -30.12
N GLU D 196 -21.08 -5.27 -29.75
CA GLU D 196 -21.65 -4.80 -28.50
C GLU D 196 -22.72 -3.71 -28.69
N LEU D 197 -23.76 -3.82 -27.87
CA LEU D 197 -24.70 -2.73 -27.65
C LEU D 197 -24.05 -1.67 -26.72
N GLU D 198 -23.72 -0.52 -27.28
CA GLU D 198 -22.85 0.45 -26.62
C GLU D 198 -23.65 1.50 -25.86
N ILE D 199 -23.36 1.63 -24.57
CA ILE D 199 -23.92 2.74 -23.78
C ILE D 199 -23.50 4.08 -24.37
N THR D 200 -22.33 4.11 -25.00
CA THR D 200 -21.90 5.32 -25.67
C THR D 200 -22.81 5.68 -26.86
N ASP D 201 -23.37 4.70 -27.56
CA ASP D 201 -24.39 5.00 -28.60
C ASP D 201 -25.69 5.54 -28.01
N VAL D 202 -26.08 5.07 -26.82
CA VAL D 202 -27.25 5.63 -26.14
C VAL D 202 -27.00 7.12 -25.81
N ASN D 203 -25.88 7.38 -25.15
CA ASN D 203 -25.54 8.74 -24.77
C ASN D 203 -25.38 9.65 -26.00
N ARG D 204 -24.86 9.11 -27.11
CA ARG D 204 -24.75 9.88 -28.34
C ARG D 204 -26.13 10.23 -28.94
N ALA D 205 -27.12 9.33 -28.80
CA ALA D 205 -28.44 9.63 -29.32
C ALA D 205 -29.00 10.86 -28.58
N TYR D 206 -28.85 10.90 -27.26
CA TYR D 206 -29.30 12.07 -26.51
C TYR D 206 -28.50 13.32 -26.88
N LEU D 207 -27.18 13.18 -27.08
CA LEU D 207 -26.33 14.31 -27.48
C LEU D 207 -26.80 14.94 -28.79
N GLU D 208 -27.13 14.10 -29.77
CA GLU D 208 -27.61 14.57 -31.07
C GLU D 208 -28.99 15.24 -30.99
N ARG D 209 -29.79 14.88 -29.99
CA ARG D 209 -31.06 15.58 -29.69
C ARG D 209 -30.87 16.87 -28.89
N GLY D 210 -29.66 17.18 -28.44
CA GLY D 210 -29.42 18.35 -27.58
C GLY D 210 -29.93 18.09 -26.16
N GLN D 211 -30.03 16.80 -25.79
CA GLN D 211 -30.66 16.43 -24.54
C GLN D 211 -29.70 15.73 -23.56
N LEU D 212 -28.40 15.80 -23.84
CA LEU D 212 -27.39 15.21 -22.97
C LEU D 212 -26.77 16.27 -22.08
N SER D 213 -26.84 16.08 -20.76
CA SER D 213 -26.11 16.95 -19.84
C SER D 213 -24.85 16.27 -19.32
N VAL D 214 -23.69 16.88 -19.55
CA VAL D 214 -22.41 16.37 -19.07
C VAL D 214 -21.89 17.27 -17.96
N GLU D 215 -21.93 16.78 -16.73
CA GLU D 215 -21.38 17.47 -15.57
C GLU D 215 -19.96 16.94 -15.36
N ILE D 216 -19.08 17.81 -14.88
CA ILE D 216 -17.73 17.42 -14.57
C ILE D 216 -17.76 16.87 -13.15
N MET D 217 -17.14 15.70 -12.93
CA MET D 217 -16.85 15.25 -11.59
C MET D 217 -15.43 15.73 -11.38
N GLY D 218 -15.29 16.71 -10.50
CA GLY D 218 -14.01 17.39 -10.32
C GLY D 218 -12.96 16.46 -9.74
N ARG D 219 -11.71 16.92 -9.81
CA ARG D 219 -10.55 16.18 -9.36
C ARG D 219 -10.52 15.93 -7.84
N GLY D 220 -11.27 16.74 -7.10
CA GLY D 220 -11.43 16.51 -5.66
C GLY D 220 -12.29 15.30 -5.28
N TYR D 221 -12.91 14.68 -6.29
CA TYR D 221 -13.52 13.38 -6.14
C TYR D 221 -12.58 12.25 -6.59
N ALA D 222 -12.77 11.07 -5.99
CA ALA D 222 -12.07 9.87 -6.40
C ALA D 222 -13.08 8.95 -7.07
N TRP D 223 -12.84 8.68 -8.36
CA TRP D 223 -13.49 7.61 -9.09
C TRP D 223 -12.39 6.60 -9.28
N LEU D 224 -12.43 5.56 -8.45
CA LEU D 224 -11.50 4.45 -8.55
C LEU D 224 -12.17 3.38 -9.43
N ASP D 225 -11.39 2.68 -10.21
CA ASP D 225 -11.96 1.46 -10.74
C ASP D 225 -11.05 0.29 -10.52
N THR D 226 -11.66 -0.84 -10.78
CA THR D 226 -11.33 -2.07 -10.16
C THR D 226 -11.11 -3.05 -11.29
N GLY D 227 -10.46 -2.56 -12.35
CA GLY D 227 -10.29 -3.31 -13.59
C GLY D 227 -9.18 -4.34 -13.56
N THR D 228 -8.06 -4.01 -12.90
CA THR D 228 -6.92 -4.89 -12.80
C THR D 228 -6.68 -5.27 -11.33
N HIS D 229 -5.88 -6.33 -11.09
CA HIS D 229 -5.56 -6.75 -9.72
C HIS D 229 -4.82 -5.66 -9.00
N ASP D 230 -4.03 -4.92 -9.75
CA ASP D 230 -3.29 -3.77 -9.23
C ASP D 230 -4.20 -2.65 -8.71
N SER D 231 -5.24 -2.33 -9.48
CA SER D 231 -6.11 -1.20 -9.15
C SER D 231 -7.03 -1.60 -8.00
N LEU D 232 -7.51 -2.84 -8.02
CA LEU D 232 -8.30 -3.45 -6.93
C LEU D 232 -7.57 -3.27 -5.58
N LEU D 233 -6.30 -3.61 -5.57
CA LEU D 233 -5.45 -3.40 -4.40
C LEU D 233 -5.26 -1.93 -4.01
N GLU D 234 -5.16 -1.06 -5.00
CA GLU D 234 -5.04 0.37 -4.70
C GLU D 234 -6.35 0.92 -4.10
N ALA D 235 -7.48 0.50 -4.65
CA ALA D 235 -8.79 0.89 -4.17
C ALA D 235 -8.96 0.46 -2.71
N GLY D 236 -8.60 -0.79 -2.41
CA GLY D 236 -8.59 -1.27 -1.04
C GLY D 236 -7.79 -0.43 -0.07
N GLN D 237 -6.57 -0.07 -0.46
CA GLN D 237 -5.70 0.78 0.35
C GLN D 237 -6.27 2.17 0.56
N PHE D 238 -6.96 2.69 -0.45
CA PHE D 238 -7.53 4.02 -0.43
C PHE D 238 -8.65 4.07 0.60
N ILE D 239 -9.54 3.09 0.51
CA ILE D 239 -10.65 3.02 1.42
C ILE D 239 -10.12 2.84 2.83
N ALA D 240 -9.19 1.89 2.99
CA ALA D 240 -8.61 1.61 4.30
C ALA D 240 -8.02 2.85 4.98
N THR D 241 -7.38 3.72 4.20
CA THR D 241 -6.67 4.91 4.74
C THR D 241 -7.69 5.95 5.19
N LEU D 242 -8.73 6.12 4.40
CA LEU D 242 -9.84 7.01 4.76
C LEU D 242 -10.51 6.50 6.03
N GLU D 243 -10.88 5.22 6.03
CA GLU D 243 -11.67 4.68 7.16
C GLU D 243 -10.94 4.63 8.48
N ASN D 244 -9.66 4.29 8.44
CA ASN D 244 -8.85 4.26 9.66
C ASN D 244 -8.48 5.65 10.18
N ARG D 245 -8.34 6.60 9.27
CA ARG D 245 -8.10 7.97 9.67
C ARG D 245 -9.36 8.52 10.39
N GLN D 246 -10.52 8.29 9.81
CA GLN D 246 -11.77 8.96 10.24
C GLN D 246 -12.58 8.26 11.30
N GLY D 247 -12.42 6.94 11.41
CA GLY D 247 -13.38 6.12 12.16
C GLY D 247 -14.78 6.15 11.56
N LEU D 248 -14.90 6.51 10.27
CA LEU D 248 -16.17 6.45 9.54
C LEU D 248 -15.98 5.61 8.28
N LYS D 249 -17.05 4.95 7.83
CA LYS D 249 -16.95 4.05 6.70
C LYS D 249 -17.41 4.73 5.44
N VAL D 250 -16.77 4.37 4.32
CA VAL D 250 -17.22 4.78 3.02
C VAL D 250 -18.21 3.72 2.51
N ALA D 251 -19.36 4.18 2.00
CA ALA D 251 -20.34 3.32 1.28
C ALA D 251 -20.89 2.17 2.10
N CYS D 252 -21.19 2.45 3.37
CA CYS D 252 -21.86 1.48 4.24
C CYS D 252 -23.38 1.61 4.04
N PRO D 253 -24.00 0.66 3.30
CA PRO D 253 -25.44 0.84 2.97
C PRO D 253 -26.38 1.03 4.17
N GLU D 254 -26.16 0.29 5.24
CA GLU D 254 -26.99 0.42 6.43
C GLU D 254 -26.96 1.85 6.96
N GLU D 255 -25.76 2.44 6.99
CA GLU D 255 -25.60 3.82 7.41
C GLU D 255 -26.37 4.77 6.50
N ILE D 256 -26.23 4.60 5.18
CA ILE D 256 -26.91 5.46 4.24
C ILE D 256 -28.44 5.38 4.38
N ALA D 257 -28.98 4.17 4.50
CA ALA D 257 -30.42 4.01 4.71
C ALA D 257 -30.87 4.77 5.97
N TYR D 258 -30.13 4.62 7.05
CA TYR D 258 -30.48 5.22 8.33
C TYR D 258 -30.50 6.75 8.23
N ARG D 259 -29.48 7.31 7.58
CA ARG D 259 -29.36 8.76 7.43
C ARG D 259 -30.37 9.30 6.44
N GLN D 260 -30.73 8.49 5.45
CA GLN D 260 -31.82 8.83 4.54
C GLN D 260 -33.20 8.67 5.22
N LYS D 261 -33.24 8.24 6.47
CA LYS D 261 -34.50 7.95 7.18
C LYS D 261 -35.32 6.78 6.61
N TRP D 262 -34.68 5.88 5.87
CA TRP D 262 -35.38 4.74 5.29
C TRP D 262 -35.49 3.56 6.22
N ILE D 263 -34.68 3.55 7.26
CA ILE D 263 -34.85 2.63 8.37
C ILE D 263 -34.66 3.43 9.65
N ASP D 264 -35.22 2.97 10.76
CA ASP D 264 -35.13 3.69 12.04
C ASP D 264 -34.06 3.06 12.94
N ALA D 265 -33.88 3.63 14.14
CA ALA D 265 -32.86 3.19 15.08
C ALA D 265 -33.01 1.73 15.45
N ALA D 266 -34.22 1.36 15.86
CA ALA D 266 -34.55 -0.02 16.23
C ALA D 266 -34.17 -0.99 15.12
N GLN D 267 -34.43 -0.61 13.87
CA GLN D 267 -34.09 -1.44 12.72
C GLN D 267 -32.56 -1.56 12.53
N LEU D 268 -31.84 -0.44 12.68
CA LEU D 268 -30.39 -0.47 12.61
C LEU D 268 -29.80 -1.34 13.74
N GLU D 269 -30.40 -1.25 14.93
CA GLU D 269 -29.98 -2.09 16.05
C GLU D 269 -30.09 -3.58 15.71
N LYS D 270 -31.20 -3.97 15.09
CA LYS D 270 -31.43 -5.38 14.72
C LYS D 270 -30.41 -5.85 13.70
N LEU D 271 -30.06 -4.95 12.77
CA LEU D 271 -29.03 -5.24 11.77
C LEU D 271 -27.65 -5.40 12.39
N ALA D 272 -27.35 -4.60 13.41
CA ALA D 272 -26.07 -4.67 14.11
C ALA D 272 -25.89 -6.01 14.85
N ALA D 273 -26.99 -6.53 15.41
CA ALA D 273 -26.94 -7.69 16.31
C ALA D 273 -25.98 -8.81 15.87
N PRO D 274 -26.23 -9.42 14.69
CA PRO D 274 -25.41 -10.58 14.26
C PRO D 274 -23.95 -10.28 13.83
N LEU D 275 -23.60 -9.00 13.69
CA LEU D 275 -22.25 -8.59 13.36
C LEU D 275 -21.55 -7.97 14.59
N ALA D 276 -22.20 -8.07 15.76
CA ALA D 276 -21.76 -7.37 16.97
C ALA D 276 -20.30 -7.65 17.38
N LYS D 277 -19.79 -8.83 17.03
CA LYS D 277 -18.43 -9.22 17.40
C LYS D 277 -17.36 -8.96 16.30
N ASN D 278 -17.74 -8.29 15.21
CA ASN D 278 -16.75 -7.68 14.30
C ASN D 278 -16.86 -6.16 14.30
N GLY D 279 -15.88 -5.50 13.66
CA GLY D 279 -15.81 -4.04 13.61
C GLY D 279 -16.96 -3.38 12.87
N TYR D 280 -17.58 -4.12 11.95
CA TYR D 280 -18.70 -3.59 11.14
C TYR D 280 -19.99 -3.44 12.00
N GLY D 281 -20.31 -4.46 12.79
CA GLY D 281 -21.45 -4.40 13.71
C GLY D 281 -21.31 -3.34 14.80
N GLN D 282 -20.12 -3.30 15.41
CA GLN D 282 -19.81 -2.26 16.39
C GLN D 282 -19.96 -0.88 15.80
N TYR D 283 -19.59 -0.73 14.53
CA TYR D 283 -19.74 0.54 13.84
C TYR D 283 -21.22 0.88 13.65
N LEU D 284 -22.04 -0.09 13.28
CA LEU D 284 -23.49 0.18 13.20
C LEU D 284 -24.06 0.61 14.56
N LYS D 285 -23.60 -0.03 15.62
CA LYS D 285 -24.02 0.30 16.98
C LYS D 285 -23.61 1.73 17.38
N ARG D 286 -22.34 2.08 17.14
CA ARG D 286 -21.87 3.44 17.43
C ARG D 286 -22.66 4.53 16.68
N LEU D 287 -23.11 4.24 15.45
CA LEU D 287 -23.96 5.19 14.71
C LEU D 287 -25.33 5.47 15.36
N LEU D 288 -25.76 4.64 16.30
CA LEU D 288 -27.01 4.90 17.03
C LEU D 288 -26.83 6.03 18.05
N THR D 289 -25.62 6.17 18.59
CA THR D 289 -25.39 7.06 19.71
C THR D 289 -24.48 8.26 19.40
N GLU D 290 -23.97 8.33 18.17
CA GLU D 290 -23.11 9.44 17.80
C GLU D 290 -23.80 10.39 16.83
N THR D 291 -23.60 11.68 17.01
CA THR D 291 -23.99 12.66 15.99
C THR D 291 -22.80 12.82 15.03
N VAL D 292 -23.01 12.60 13.73
CA VAL D 292 -21.97 12.75 12.69
C VAL D 292 -22.42 13.80 11.67
N TYR D 293 -21.62 14.83 11.49
CA TYR D 293 -22.01 15.93 10.60
C TYR D 293 -21.60 15.65 9.15
CAY N5Y E . 22.21 -12.88 12.28
CAZ N5Y E . 23.57 -13.05 12.50
CBA N5Y E . 24.44 -11.99 12.25
CAX N5Y E . 23.94 -10.77 11.83
CAW N5Y E . 22.57 -10.59 11.61
CAV N5Y E . 21.70 -11.66 11.82
CAU N5Y E . 20.30 -11.57 11.64
NAN N5Y E . 19.66 -10.47 10.81
CAO N5Y E . 19.17 -10.76 9.59
NAP N5Y E . 19.30 -11.98 9.03
CAM N5Y E . 19.47 -9.24 11.34
OAL N5Y E . 19.90 -9.00 12.48
NAD N5Y E . 18.81 -8.22 10.63
CAE N5Y E . 18.33 -8.47 9.32
OAA N5Y E . 17.77 -7.59 8.67
CAF N5Y E . 18.54 -9.76 8.81
NAG N5Y E . 18.03 -10.11 7.60
OAC N5Y E . 17.78 -9.96 5.38
CA0 N5Y E . 18.37 -9.60 6.40
CAT N5Y E . 19.41 -8.67 6.26
CAS N5Y E . 20.62 -8.76 6.96
CAR N5Y E . 21.63 -7.82 6.75
CAI N5Y E . 21.43 -6.79 5.83
CAJ N5Y E . 20.25 -6.71 5.11
CAA N5Y E . 16.90 -11.05 7.60
CAK N5Y E . 19.24 -7.64 5.33
CL CL F . 14.95 -19.15 -3.64
O1 MES G . 23.41 -22.38 -11.64
C2 MES G . 23.08 -21.13 -12.24
C3 MES G . 24.28 -20.67 -13.07
N4 MES G . 25.53 -20.54 -12.26
C5 MES G . 25.80 -21.77 -11.47
C6 MES G . 24.53 -22.25 -10.75
C7 MES G . 26.64 -20.24 -13.19
C8 MES G . 28.02 -20.15 -12.53
S MES G . 29.19 -19.43 -13.52
O1S MES G . 30.25 -20.43 -13.76
O2S MES G . 29.75 -18.29 -12.76
O3S MES G . 28.71 -18.98 -14.84
CAY N5Y H . 11.44 -25.01 -6.70
CAZ N5Y H . 11.37 -26.39 -6.55
CBA N5Y H . 10.14 -27.04 -6.68
CAX N5Y H . 9.00 -26.29 -6.95
CAW N5Y H . 9.06 -24.90 -7.07
CAV N5Y H . 10.28 -24.26 -6.94
CAU N5Y H . 10.44 -22.86 -7.09
NAN N5Y H . 9.38 -21.97 -6.53
CAO N5Y H . 9.59 -21.36 -5.34
NAP N5Y H . 10.69 -21.59 -4.63
CAM N5Y H . 8.26 -21.71 -7.25
OAL N5Y H . 8.10 -22.24 -8.35
NAD N5Y H . 7.27 -20.83 -6.75
CAE N5Y H . 7.46 -20.20 -5.52
OAA N5Y H . 6.59 -19.44 -5.09
CAF N5Y H . 8.63 -20.49 -4.79
NAG N5Y H . 8.89 -19.84 -3.62
OAC N5Y H . 8.52 -19.05 -1.57
CA0 N5Y H . 8.19 -19.85 -2.47
CAT N5Y H . 7.08 -20.72 -2.30
CAS N5Y H . 7.01 -22.00 -2.87
CAR N5Y H . 5.90 -22.81 -2.67
CAI N5Y H . 4.84 -22.33 -1.90
CAJ N5Y H . 4.91 -21.07 -1.34
CAA N5Y H . 9.97 -18.83 -3.67
CAK N5Y H . 6.01 -20.28 -1.53
CL CL I . 16.60 -16.00 8.40
O1 MES J . 16.98 -23.36 17.75
C2 MES J . 15.76 -22.93 18.31
C3 MES J . 15.22 -24.04 19.18
N4 MES J . 14.92 -25.24 18.37
C5 MES J . 16.17 -25.72 17.72
C6 MES J . 16.89 -24.58 16.99
C7 MES J . 14.18 -26.24 19.22
C8 MES J . 14.76 -27.67 19.32
S MES J . 13.61 -28.72 19.94
O1S MES J . 14.32 -29.87 20.56
O2S MES J . 12.79 -29.23 18.82
O3S MES J . 12.76 -28.03 20.94
CAY N5Y K . -8.59 25.30 -9.33
CAZ N5Y K . -8.61 26.68 -9.22
CBA N5Y K . -7.59 27.32 -8.51
CAX N5Y K . -6.58 26.58 -7.94
CAW N5Y K . -6.57 25.19 -8.04
CAV N5Y K . -7.57 24.54 -8.74
CAU N5Y K . -7.64 23.14 -8.91
NAN N5Y K . -6.82 22.23 -8.02
CAO N5Y K . -7.40 21.55 -7.00
NAP N5Y K . -8.69 21.71 -6.71
CAM N5Y K . -5.52 22.04 -8.29
OAL N5Y K . -5.00 22.65 -9.23
NAD N5Y K . -4.75 21.18 -7.51
CAE N5Y K . -5.31 20.47 -6.43
OAA N5Y K . -4.61 19.71 -5.74
CAF N5Y K . -6.66 20.69 -6.17
NAG N5Y K . -7.31 19.97 -5.21
OAC N5Y K . -7.66 19.13 -3.14
CA0 N5Y K . -7.05 19.92 -3.86
CAT N5Y K . -6.16 20.81 -3.29
CAS N5Y K . -6.25 22.17 -3.57
CAR N5Y K . -5.37 23.06 -2.98
CAI N5Y K . -4.41 22.59 -2.08
CAJ N5Y K . -4.34 21.23 -1.77
CAA N5Y K . -8.26 18.97 -5.71
CAK N5Y K . -5.23 20.35 -2.39
CL CL L . -18.73 15.34 3.03
O1 MES M . -22.33 22.04 11.79
C2 MES M . -22.73 23.39 11.54
C3 MES M . -21.70 24.35 12.13
N4 MES M . -21.59 24.06 13.58
C5 MES M . -21.05 22.71 13.73
C6 MES M . -22.08 21.74 13.16
C7 MES M . -20.73 25.06 14.27
C8 MES M . -21.44 26.41 14.42
S MES M . -20.57 27.43 15.41
O1S MES M . -19.33 27.87 14.70
O2S MES M . -20.22 26.79 16.71
O3S MES M . -21.43 28.61 15.72
CAY N5Y N . -25.43 11.73 3.90
CAZ N5Y N . -26.77 11.74 3.51
CBA N5Y N . -27.37 10.56 3.13
CAX N5Y N . -26.64 9.38 3.12
CAW N5Y N . -25.31 9.35 3.50
CAV N5Y N . -24.69 10.53 3.88
CAU N5Y N . -23.37 10.61 4.29
NAN N5Y N . -22.33 9.73 3.67
CAO N5Y N . -21.46 10.19 2.74
NAP N5Y N . -21.54 11.46 2.27
CAM N5Y N . -22.20 8.49 4.14
OAL N5Y N . -22.96 8.08 5.00
NAD N5Y N . -21.23 7.62 3.66
CAE N5Y N . -20.34 8.03 2.69
OAA N5Y N . -19.51 7.21 2.29
CAF N5Y N . -20.46 9.34 2.19
NAG N5Y N . -19.55 9.81 1.29
OAC N5Y N . -18.34 9.83 -0.58
CA0 N5Y N . -19.29 9.36 0.05
CAT N5Y N . -20.12 8.39 -0.54
CAS N5Y N . -21.51 8.33 -0.37
CAR N5Y N . -22.26 7.35 -1.00
CAI N5Y N . -21.64 6.42 -1.82
CAJ N5Y N . -20.27 6.48 -1.99
CAA N5Y N . -18.56 10.77 1.80
CAK N5Y N . -19.51 7.46 -1.37
CL CL O . -12.83 19.43 -7.40
O1 MES P . -18.02 22.73 -17.56
C2 MES P . -17.67 21.53 -18.20
C3 MES P . -18.48 21.44 -19.46
N4 MES P . -19.91 21.28 -19.13
C5 MES P . -20.40 22.30 -18.16
C6 MES P . -19.38 22.80 -17.14
C7 MES P . -20.68 21.32 -20.42
C8 MES P . -22.20 21.30 -20.29
S MES P . -23.01 20.40 -21.46
O1S MES P . -23.87 21.33 -22.22
O2S MES P . -23.89 19.50 -20.68
O3S MES P . -22.16 19.66 -22.42
#